data_3LCY
#
_entry.id   3LCY
#
_cell.length_a   77.086
_cell.length_b   103.821
_cell.length_c   116.533
_cell.angle_alpha   90.00
_cell.angle_beta   90.00
_cell.angle_gamma   90.00
#
_symmetry.space_group_name_H-M   'P 21 21 21'
#
loop_
_entity.id
_entity.type
_entity.pdbx_description
1 polymer Titin
2 water water
#
_entity_poly.entity_id   1
_entity_poly.type   'polypeptide(L)'
_entity_poly.pdbx_seq_one_letter_code
;GAMSGEAPGIRKEMKDVTTKLGEAAQLSCQIVGRPLPDIKWYRFGKELIQSRKYKMSSDGRTHTLTVMTEEQEDEGVYTC
IATNEVGEVETSSKLLLQATPQFHPGYPLKEKYYGAVGSTLRLHVMYIGRPVPAMTWFHGQKLLQNSENITIENTEHYTH
LVMKNVQRKTHAGKYKVQLSNVFGTVDAILDVEIQDK
;
_entity_poly.pdbx_strand_id   A,B,C,D
#
# COMPACT_ATOMS: atom_id res chain seq x y z
N ALA A 2 46.54 -5.76 -19.11
CA ALA A 2 46.80 -4.70 -20.05
C ALA A 2 47.12 -3.43 -19.33
N MET A 3 47.19 -2.37 -20.11
CA MET A 3 47.40 -1.04 -19.60
C MET A 3 46.19 -0.68 -18.79
N SER A 4 45.03 -1.14 -19.24
CA SER A 4 43.81 -0.81 -18.55
C SER A 4 42.91 -1.95 -18.11
N GLY A 5 42.25 -1.69 -17.00
CA GLY A 5 41.33 -2.61 -16.40
C GLY A 5 40.27 -1.68 -15.90
N GLU A 6 39.11 -2.21 -15.59
CA GLU A 6 38.04 -1.39 -15.11
C GLU A 6 37.88 -1.75 -13.65
N ALA A 7 37.85 -0.74 -12.79
CA ALA A 7 37.70 -0.97 -11.36
C ALA A 7 36.30 -1.49 -11.20
N PRO A 8 36.04 -2.20 -10.13
CA PRO A 8 34.70 -2.73 -9.92
C PRO A 8 33.65 -1.63 -9.88
N GLY A 9 32.59 -1.84 -10.65
CA GLY A 9 31.50 -0.90 -10.73
C GLY A 9 30.22 -1.56 -10.28
N ILE A 10 29.43 -0.83 -9.51
CA ILE A 10 28.19 -1.38 -9.01
C ILE A 10 27.08 -1.26 -10.04
N ARG A 11 26.48 -2.39 -10.40
CA ARG A 11 25.37 -2.42 -11.35
C ARG A 11 24.09 -2.39 -10.54
N LYS A 12 24.04 -3.22 -9.53
CA LYS A 12 22.96 -3.28 -8.59
C LYS A 12 23.59 -3.27 -7.22
N GLU A 13 23.24 -2.29 -6.41
CA GLU A 13 23.75 -2.19 -5.07
C GLU A 13 22.98 -3.09 -4.12
N MET A 14 23.56 -3.39 -2.98
CA MET A 14 22.89 -4.22 -2.01
C MET A 14 21.65 -3.56 -1.45
N LYS A 15 20.65 -4.36 -1.19
CA LYS A 15 19.39 -3.88 -0.68
C LYS A 15 19.07 -4.54 0.62
N ASP A 16 18.28 -3.84 1.42
CA ASP A 16 17.83 -4.40 2.70
C ASP A 16 16.99 -5.63 2.46
N VAL A 17 17.22 -6.68 3.25
CA VAL A 17 16.53 -7.95 3.09
C VAL A 17 15.92 -8.42 4.39
N THR A 18 14.69 -8.92 4.32
CA THR A 18 14.01 -9.46 5.49
C THR A 18 13.75 -10.96 5.35
N THR A 19 14.05 -11.70 6.42
CA THR A 19 13.82 -13.14 6.41
C THR A 19 13.39 -13.61 7.79
N LYS A 20 12.68 -14.73 7.84
CA LYS A 20 12.25 -15.30 9.10
C LYS A 20 13.43 -15.86 9.87
N LEU A 21 13.53 -15.51 11.16
CA LEU A 21 14.60 -16.02 12.00
C LEU A 21 14.62 -17.54 11.95
N GLY A 22 15.79 -18.09 11.68
CA GLY A 22 15.94 -19.54 11.56
C GLY A 22 16.00 -19.97 10.11
N GLU A 23 15.61 -19.08 9.21
CA GLU A 23 15.62 -19.39 7.78
C GLU A 23 16.80 -18.73 7.08
N ALA A 24 16.99 -19.05 5.81
CA ALA A 24 18.10 -18.51 5.02
C ALA A 24 17.83 -17.08 4.55
N ALA A 25 18.87 -16.27 4.53
CA ALA A 25 18.78 -14.90 4.02
C ALA A 25 19.78 -14.69 2.90
N GLN A 26 19.29 -14.23 1.75
CA GLN A 26 20.16 -13.96 0.61
C GLN A 26 20.40 -12.47 0.43
N LEU A 27 21.66 -12.07 0.61
CA LEU A 27 22.06 -10.69 0.36
C LEU A 27 22.87 -10.64 -0.93
N SER A 28 22.34 -9.97 -1.96
CA SER A 28 22.97 -9.99 -3.27
C SER A 28 23.28 -8.60 -3.82
N CYS A 29 24.22 -8.54 -4.75
CA CYS A 29 24.57 -7.30 -5.42
C CYS A 29 25.30 -7.61 -6.72
N GLN A 30 25.35 -6.68 -7.66
CA GLN A 30 26.11 -6.85 -8.89
C GLN A 30 27.22 -5.85 -9.04
N ILE A 31 28.42 -6.36 -9.17
CA ILE A 31 29.59 -5.55 -9.38
C ILE A 31 30.42 -6.11 -10.52
N VAL A 32 30.74 -5.25 -11.48
CA VAL A 32 31.50 -5.67 -12.64
C VAL A 32 32.85 -4.96 -12.77
N GLY A 33 33.86 -5.73 -13.13
CA GLY A 33 35.20 -5.20 -13.30
C GLY A 33 36.03 -6.07 -14.20
N ARG A 34 37.11 -5.54 -14.75
CA ARG A 34 38.07 -6.31 -15.49
C ARG A 34 39.39 -5.90 -14.96
N PRO A 35 40.12 -6.81 -14.40
CA PRO A 35 39.75 -8.21 -14.32
C PRO A 35 38.54 -8.39 -13.43
N LEU A 36 37.94 -9.57 -13.44
CA LEU A 36 36.73 -9.74 -12.70
C LEU A 36 37.13 -9.54 -11.28
N PRO A 37 36.23 -8.98 -10.51
CA PRO A 37 36.50 -8.70 -9.12
C PRO A 37 36.54 -9.88 -8.16
N ASP A 38 37.41 -9.80 -7.18
CA ASP A 38 37.41 -10.74 -6.11
C ASP A 38 36.52 -10.23 -4.99
N ILE A 39 35.69 -11.09 -4.47
CA ILE A 39 34.72 -10.77 -3.46
C ILE A 39 35.08 -11.16 -2.05
N LYS A 40 34.88 -10.22 -1.13
CA LYS A 40 34.96 -10.42 0.29
C LYS A 40 33.74 -9.87 1.00
N TRP A 41 33.24 -10.59 1.98
CA TRP A 41 32.10 -10.15 2.79
C TRP A 41 32.57 -9.78 4.19
N TYR A 42 32.01 -8.71 4.73
CA TYR A 42 32.44 -8.20 6.03
C TYR A 42 31.29 -8.05 7.03
N ARG A 43 31.65 -8.19 8.31
CA ARG A 43 30.69 -8.16 9.40
C ARG A 43 31.37 -7.62 10.65
N PHE A 44 31.01 -6.41 11.04
CA PHE A 44 31.63 -5.74 12.18
C PHE A 44 33.14 -5.59 11.97
N GLY A 45 33.52 -5.10 10.79
CA GLY A 45 34.91 -4.84 10.48
C GLY A 45 35.76 -6.09 10.30
N LYS A 46 35.11 -7.25 10.31
CA LYS A 46 35.82 -8.52 10.15
C LYS A 46 35.36 -9.26 8.90
N GLU A 47 36.30 -9.91 8.22
CA GLU A 47 35.98 -10.67 7.02
C GLU A 47 35.25 -11.98 7.35
N LEU A 48 34.10 -12.18 6.71
CA LEU A 48 33.38 -13.43 6.85
C LEU A 48 34.07 -14.51 6.03
N ILE A 49 34.29 -15.67 6.64
CA ILE A 49 34.87 -16.81 5.94
C ILE A 49 33.77 -17.80 5.62
N GLN A 50 33.76 -18.30 4.39
CA GLN A 50 32.71 -19.22 3.96
C GLN A 50 32.58 -20.42 4.89
N SER A 51 31.34 -20.78 5.20
CA SER A 51 31.05 -21.95 6.02
C SER A 51 29.65 -22.43 5.70
N ARG A 52 29.09 -23.26 6.57
CA ARG A 52 27.73 -23.75 6.39
C ARG A 52 26.73 -22.64 6.70
N LYS A 53 27.10 -21.75 7.62
CA LYS A 53 26.23 -20.65 8.00
C LYS A 53 26.32 -19.50 6.99
N TYR A 54 27.54 -19.22 6.53
CA TYR A 54 27.73 -18.15 5.54
C TYR A 54 28.14 -18.73 4.19
N LYS A 55 27.15 -19.00 3.34
CA LYS A 55 27.41 -19.50 2.00
C LYS A 55 27.69 -18.33 1.06
N MET A 56 28.70 -18.45 0.23
CA MET A 56 29.04 -17.36 -0.68
C MET A 56 29.03 -17.77 -2.14
N SER A 57 28.30 -17.03 -2.96
CA SER A 57 28.18 -17.31 -4.37
C SER A 57 28.57 -16.16 -5.27
N SER A 58 29.35 -16.45 -6.30
CA SER A 58 29.69 -15.44 -7.28
C SER A 58 29.90 -16.03 -8.67
N ASP A 59 29.39 -15.37 -9.69
CA ASP A 59 29.61 -15.80 -11.04
C ASP A 59 30.53 -14.80 -11.72
N GLY A 60 31.04 -13.88 -10.94
CA GLY A 60 31.89 -12.80 -11.40
C GLY A 60 31.15 -11.51 -11.65
N ARG A 61 29.82 -11.57 -11.68
CA ARG A 61 29.00 -10.39 -11.83
C ARG A 61 28.02 -10.21 -10.67
N THR A 62 27.32 -11.29 -10.32
CA THR A 62 26.35 -11.25 -9.25
C THR A 62 26.93 -11.93 -8.05
N HIS A 63 26.96 -11.22 -6.94
CA HIS A 63 27.52 -11.77 -5.72
C HIS A 63 26.50 -11.85 -4.61
N THR A 64 26.29 -13.07 -4.12
CA THR A 64 25.31 -13.33 -3.11
C THR A 64 25.89 -13.99 -1.88
N LEU A 65 25.50 -13.47 -0.73
CA LEU A 65 25.85 -14.05 0.56
C LEU A 65 24.60 -14.67 1.17
N THR A 66 24.70 -15.91 1.62
CA THR A 66 23.56 -16.57 2.21
C THR A 66 23.83 -16.77 3.69
N VAL A 67 22.97 -16.25 4.52
CA VAL A 67 23.12 -16.39 5.96
C VAL A 67 22.04 -17.30 6.48
N MET A 68 22.44 -18.35 7.18
CA MET A 68 21.47 -19.26 7.75
C MET A 68 21.32 -18.68 9.13
N THR A 69 20.25 -17.93 9.33
CA THR A 69 20.01 -17.31 10.57
C THR A 69 19.67 -18.25 11.68
N GLU A 70 20.26 -18.01 12.82
CA GLU A 70 20.00 -18.82 13.97
C GLU A 70 19.63 -17.99 15.16
N GLU A 71 20.15 -16.78 15.22
CA GLU A 71 19.98 -15.92 16.37
C GLU A 71 19.74 -14.50 15.99
N GLN A 72 19.22 -13.74 16.91
CA GLN A 72 18.88 -12.36 16.70
C GLN A 72 20.04 -11.51 16.29
N GLU A 73 21.21 -11.89 16.71
CA GLU A 73 22.41 -11.16 16.46
C GLU A 73 22.87 -11.15 14.99
N ASP A 74 22.27 -12.01 14.18
CA ASP A 74 22.53 -12.15 12.78
C ASP A 74 21.95 -11.01 12.01
N GLU A 75 21.07 -10.26 12.63
CA GLU A 75 20.48 -9.13 12.00
C GLU A 75 21.49 -8.04 11.83
N GLY A 76 21.22 -7.05 11.02
CA GLY A 76 22.18 -6.00 10.88
C GLY A 76 22.93 -5.81 9.62
N VAL A 77 24.00 -5.04 9.69
CA VAL A 77 24.82 -4.73 8.53
C VAL A 77 25.75 -5.80 7.96
N TYR A 78 25.72 -5.92 6.65
CA TYR A 78 26.56 -6.84 5.91
C TYR A 78 27.20 -6.04 4.80
N THR A 79 28.49 -6.18 4.62
CA THR A 79 29.21 -5.45 3.59
C THR A 79 29.95 -6.32 2.60
N CYS A 80 29.75 -6.03 1.32
CA CYS A 80 30.40 -6.76 0.25
C CYS A 80 31.45 -5.87 -0.38
N ILE A 81 32.68 -6.33 -0.44
CA ILE A 81 33.75 -5.54 -1.05
C ILE A 81 34.31 -6.23 -2.28
N ALA A 82 34.25 -5.55 -3.40
CA ALA A 82 34.73 -6.09 -4.65
C ALA A 82 36.06 -5.46 -5.03
N THR A 83 37.05 -6.29 -5.32
CA THR A 83 38.36 -5.78 -5.66
C THR A 83 39.03 -6.40 -6.88
N ASN A 84 39.90 -5.61 -7.50
CA ASN A 84 40.69 -5.99 -8.66
C ASN A 84 41.92 -5.08 -8.66
N GLU A 85 42.87 -5.29 -9.56
CA GLU A 85 44.07 -4.46 -9.54
C GLU A 85 43.77 -2.98 -9.70
N VAL A 86 42.83 -2.66 -10.58
CA VAL A 86 42.47 -1.27 -10.83
C VAL A 86 41.90 -0.53 -9.62
N GLY A 87 41.06 -1.19 -8.83
CA GLY A 87 40.47 -0.56 -7.66
C GLY A 87 39.45 -1.39 -6.94
N GLU A 88 38.79 -0.81 -5.94
CA GLU A 88 37.77 -1.55 -5.20
C GLU A 88 36.54 -0.72 -4.87
N VAL A 89 35.39 -1.38 -4.76
CA VAL A 89 34.14 -0.72 -4.43
C VAL A 89 33.53 -1.39 -3.22
N GLU A 90 32.66 -0.67 -2.52
CA GLU A 90 32.01 -1.20 -1.35
C GLU A 90 30.50 -0.97 -1.36
N THR A 91 29.75 -1.95 -0.86
CA THR A 91 28.29 -1.84 -0.79
C THR A 91 27.74 -2.58 0.43
N SER A 92 26.81 -1.93 1.12
CA SER A 92 26.27 -2.49 2.35
C SER A 92 24.75 -2.40 2.42
N SER A 93 24.16 -3.35 3.15
CA SER A 93 22.72 -3.34 3.39
C SER A 93 22.44 -4.09 4.69
N LYS A 94 21.21 -4.04 5.16
CA LYS A 94 20.87 -4.65 6.45
C LYS A 94 19.94 -5.85 6.31
N LEU A 95 20.04 -6.77 7.26
CA LEU A 95 19.16 -7.92 7.33
C LEU A 95 18.14 -7.73 8.44
N LEU A 96 16.87 -7.75 8.08
CA LEU A 96 15.79 -7.61 9.06
C LEU A 96 15.16 -8.96 9.34
N LEU A 97 15.09 -9.33 10.61
CA LEU A 97 14.54 -10.62 11.00
C LEU A 97 13.04 -10.55 11.28
N GLN A 98 12.39 -11.71 11.20
CA GLN A 98 10.99 -11.82 11.54
C GLN A 98 10.79 -12.96 12.55
N ALA A 99 10.18 -12.63 13.69
CA ALA A 99 9.95 -13.62 14.73
C ALA A 99 8.83 -13.19 15.66
N THR A 100 7.88 -14.09 15.89
CA THR A 100 6.81 -13.82 16.82
C THR A 100 7.38 -13.71 18.22
N PRO A 101 6.93 -12.72 19.00
CA PRO A 101 7.43 -12.50 20.35
C PRO A 101 7.47 -13.81 21.14
N GLN A 102 8.58 -14.06 21.81
CA GLN A 102 8.79 -15.32 22.53
C GLN A 102 9.82 -15.12 23.63
N PHE A 103 9.48 -15.53 24.85
CA PHE A 103 10.44 -15.44 25.93
C PHE A 103 11.61 -16.38 25.68
N HIS A 104 12.81 -15.88 25.92
CA HIS A 104 14.03 -16.57 25.53
C HIS A 104 14.23 -17.92 26.22
N PRO A 105 14.21 -19.00 25.43
CA PRO A 105 14.65 -20.31 25.94
C PRO A 105 16.16 -20.33 26.05
N GLY A 106 16.68 -20.68 27.22
CA GLY A 106 18.10 -20.55 27.50
C GLY A 106 18.26 -19.63 28.68
N TYR A 107 17.20 -18.89 28.98
CA TYR A 107 17.14 -18.05 30.16
C TYR A 107 15.75 -18.19 30.78
N PRO A 108 15.38 -19.44 31.16
CA PRO A 108 14.04 -19.74 31.66
C PRO A 108 13.64 -18.84 32.82
N LEU A 109 12.38 -18.41 32.82
CA LEU A 109 11.84 -17.59 33.89
C LEU A 109 11.33 -18.50 35.02
N LYS A 110 11.66 -18.13 36.26
CA LYS A 110 11.18 -18.86 37.42
C LYS A 110 9.79 -18.34 37.82
N GLU A 111 9.06 -19.14 38.60
CA GLU A 111 7.71 -18.76 39.00
C GLU A 111 7.72 -17.61 39.99
N LYS A 112 8.64 -17.68 40.95
CA LYS A 112 8.71 -16.69 42.02
C LYS A 112 10.07 -16.02 42.09
N TYR A 113 10.08 -14.73 42.37
CA TYR A 113 11.32 -13.99 42.56
C TYR A 113 11.29 -13.29 43.91
N TYR A 114 12.45 -13.23 44.57
CA TYR A 114 12.52 -12.70 45.92
C TYR A 114 13.40 -11.47 46.03
N GLY A 115 12.86 -10.42 46.63
CA GLY A 115 13.59 -9.19 46.84
C GLY A 115 13.74 -8.86 48.32
N ALA A 116 14.95 -8.54 48.75
CA ALA A 116 15.19 -8.20 50.15
C ALA A 116 14.55 -6.86 50.47
N VAL A 117 13.99 -6.74 51.67
CA VAL A 117 13.33 -5.50 52.04
C VAL A 117 14.31 -4.34 52.08
N GLY A 118 13.92 -3.24 51.45
CA GLY A 118 14.72 -2.04 51.41
C GLY A 118 15.75 -2.02 50.30
N SER A 119 15.92 -3.14 49.62
CA SER A 119 16.88 -3.22 48.52
C SER A 119 16.22 -3.03 47.16
N THR A 120 17.05 -2.88 46.14
CA THR A 120 16.56 -2.76 44.77
C THR A 120 16.37 -4.14 44.15
N LEU A 121 15.26 -4.33 43.45
CA LEU A 121 15.00 -5.60 42.78
C LEU A 121 14.98 -5.41 41.27
N ARG A 122 15.79 -6.19 40.56
CA ARG A 122 15.87 -6.08 39.12
C ARG A 122 15.38 -7.34 38.43
N LEU A 123 14.40 -7.20 37.54
CA LEU A 123 13.87 -8.31 36.79
C LEU A 123 14.44 -8.13 35.40
N HIS A 124 15.27 -9.08 34.97
CA HIS A 124 15.94 -9.01 33.68
C HIS A 124 15.44 -10.11 32.74
N VAL A 125 14.48 -9.77 31.89
CA VAL A 125 13.84 -10.76 31.03
C VAL A 125 14.39 -10.75 29.60
N MET A 126 15.00 -11.85 29.19
CA MET A 126 15.49 -12.01 27.84
C MET A 126 14.35 -12.51 26.94
N TYR A 127 14.27 -11.97 25.74
CA TYR A 127 13.21 -12.35 24.84
C TYR A 127 13.67 -12.46 23.40
N ILE A 128 12.88 -13.14 22.60
CA ILE A 128 13.13 -13.22 21.19
C ILE A 128 11.92 -12.62 20.50
N GLY A 129 12.13 -11.60 19.69
CA GLY A 129 11.08 -11.03 18.90
C GLY A 129 11.51 -10.02 17.86
N ARG A 130 11.20 -10.25 16.60
CA ARG A 130 11.55 -9.29 15.55
C ARG A 130 10.32 -9.03 14.70
N PRO A 131 9.99 -7.77 14.43
CA PRO A 131 10.70 -6.57 14.87
C PRO A 131 10.57 -6.36 16.36
N VAL A 132 11.41 -5.52 16.94
CA VAL A 132 11.34 -5.32 18.37
C VAL A 132 9.91 -5.00 18.74
N PRO A 133 9.43 -5.76 19.72
CA PRO A 133 8.06 -5.67 20.23
C PRO A 133 7.78 -4.60 21.26
N ALA A 134 6.51 -4.23 21.37
CA ALA A 134 6.12 -3.26 22.36
C ALA A 134 6.24 -4.08 23.63
N MET A 135 6.91 -3.52 24.63
CA MET A 135 7.12 -4.21 25.89
C MET A 135 6.36 -3.51 27.00
N THR A 136 5.66 -4.27 27.82
CA THR A 136 4.88 -3.67 28.89
C THR A 136 4.98 -4.45 30.20
N TRP A 137 5.02 -3.72 31.31
CA TRP A 137 5.03 -4.35 32.63
C TRP A 137 3.78 -3.98 33.43
N PHE A 138 3.24 -4.96 34.15
CA PHE A 138 2.07 -4.72 34.99
C PHE A 138 2.32 -5.20 36.41
N HIS A 139 1.92 -4.38 37.39
CA HIS A 139 1.84 -4.85 38.76
C HIS A 139 0.37 -4.89 39.14
N GLY A 140 -0.19 -6.09 39.16
CA GLY A 140 -1.63 -6.25 39.31
C GLY A 140 -2.31 -5.78 38.04
N GLN A 141 -3.17 -4.77 38.17
CA GLN A 141 -3.84 -4.20 37.02
C GLN A 141 -3.29 -2.81 36.70
N LYS A 142 -2.17 -2.47 37.33
CA LYS A 142 -1.55 -1.17 37.16
C LYS A 142 -0.37 -1.27 36.19
N LEU A 143 -0.44 -0.49 35.11
CA LEU A 143 0.64 -0.48 34.12
C LEU A 143 1.83 0.32 34.65
N LEU A 144 2.98 -0.29 34.70
CA LEU A 144 4.18 0.36 35.17
C LEU A 144 4.86 1.36 34.26
N GLN A 145 5.15 2.50 34.85
CA GLN A 145 5.75 3.59 34.19
C GLN A 145 6.93 4.09 34.94
N ASN A 146 7.87 4.67 34.24
CA ASN A 146 9.04 5.22 34.84
C ASN A 146 8.72 6.30 35.80
N SER A 147 9.36 6.22 36.94
CA SER A 147 9.18 7.15 38.03
C SER A 147 10.42 7.17 38.89
N GLU A 148 10.30 7.81 40.04
CA GLU A 148 11.39 7.93 40.97
C GLU A 148 11.87 6.58 41.46
N ASN A 149 10.95 5.70 41.80
CA ASN A 149 11.36 4.38 42.29
C ASN A 149 11.22 3.24 41.30
N ILE A 150 10.73 3.53 40.11
CA ILE A 150 10.57 2.51 39.10
C ILE A 150 11.21 2.89 37.80
N THR A 151 12.01 2.00 37.26
CA THR A 151 12.68 2.25 35.99
C THR A 151 12.60 1.01 35.10
N ILE A 152 12.34 1.23 33.82
CA ILE A 152 12.19 0.13 32.87
C ILE A 152 13.03 0.37 31.64
N GLU A 153 14.13 -0.36 31.50
CA GLU A 153 14.96 -0.26 30.30
C GLU A 153 14.62 -1.33 29.28
N ASN A 154 14.14 -0.88 28.12
CA ASN A 154 13.79 -1.80 27.04
C ASN A 154 14.82 -1.82 25.92
N THR A 155 15.25 -3.03 25.56
CA THR A 155 16.29 -3.23 24.56
C THR A 155 15.84 -4.26 23.54
N GLU A 156 16.53 -4.33 22.41
CA GLU A 156 16.24 -5.32 21.37
C GLU A 156 16.65 -6.72 21.80
N HIS A 157 17.06 -6.87 23.06
CA HIS A 157 17.47 -8.16 23.57
C HIS A 157 16.78 -8.52 24.89
N TYR A 158 16.25 -7.51 25.58
CA TYR A 158 15.62 -7.75 26.87
C TYR A 158 14.74 -6.60 27.33
N THR A 159 13.90 -6.87 28.33
CA THR A 159 13.17 -5.83 29.03
C THR A 159 13.57 -5.86 30.50
N HIS A 160 14.10 -4.75 30.99
CA HIS A 160 14.69 -4.71 32.32
C HIS A 160 13.92 -3.80 33.27
N LEU A 161 13.32 -4.40 34.30
CA LEU A 161 12.57 -3.65 35.31
C LEU A 161 13.36 -3.55 36.61
N VAL A 162 13.57 -2.34 37.07
CA VAL A 162 14.21 -2.10 38.34
C VAL A 162 13.33 -1.40 39.39
N MET A 163 13.20 -1.99 40.54
CA MET A 163 12.37 -1.42 41.56
C MET A 163 13.20 -1.02 42.75
N LYS A 164 13.11 0.23 43.10
CA LYS A 164 13.89 0.75 44.20
C LYS A 164 13.19 0.62 45.51
N ASN A 165 13.92 0.29 46.55
CA ASN A 165 13.39 0.25 47.88
C ASN A 165 12.14 -0.53 48.06
N VAL A 166 12.22 -1.81 47.76
CA VAL A 166 11.07 -2.68 47.85
C VAL A 166 10.56 -2.90 49.28
N GLN A 167 9.25 -2.90 49.39
CA GLN A 167 8.56 -3.13 50.65
C GLN A 167 7.49 -4.15 50.33
N ARG A 168 7.19 -5.04 51.27
CA ARG A 168 6.21 -6.08 51.03
C ARG A 168 4.81 -5.56 50.72
N LYS A 169 4.35 -4.56 51.44
CA LYS A 169 3.02 -4.03 51.18
C LYS A 169 2.90 -3.44 49.79
N THR A 170 3.91 -2.71 49.37
CA THR A 170 3.91 -2.07 48.05
C THR A 170 4.44 -2.81 46.82
N HIS A 171 5.40 -3.71 46.98
CA HIS A 171 5.96 -4.39 45.83
C HIS A 171 5.68 -5.86 45.67
N ALA A 172 5.24 -6.51 46.71
CA ALA A 172 4.89 -7.93 46.63
C ALA A 172 3.68 -8.14 45.73
N GLY A 173 3.56 -9.34 45.16
CA GLY A 173 2.42 -9.66 44.31
C GLY A 173 2.79 -10.17 42.93
N LYS A 174 1.78 -10.32 42.08
CA LYS A 174 1.98 -10.82 40.73
C LYS A 174 2.35 -9.70 39.75
N TYR A 175 3.30 -9.99 38.87
CA TYR A 175 3.70 -9.06 37.82
C TYR A 175 3.54 -9.72 36.46
N LYS A 176 3.11 -8.94 35.47
CA LYS A 176 3.01 -9.46 34.11
C LYS A 176 3.89 -8.68 33.15
N VAL A 177 4.76 -9.39 32.44
CA VAL A 177 5.55 -8.78 31.38
C VAL A 177 4.96 -9.19 30.03
N GLN A 178 4.66 -8.20 29.20
CA GLN A 178 4.05 -8.46 27.91
C GLN A 178 4.87 -7.99 26.73
N LEU A 179 5.01 -8.85 25.73
CA LEU A 179 5.75 -8.54 24.52
C LEU A 179 4.83 -8.66 23.32
N SER A 180 4.79 -7.65 22.47
CA SER A 180 3.94 -7.73 21.29
C SER A 180 4.44 -7.06 20.02
N ASN A 181 4.19 -7.70 18.89
CA ASN A 181 4.56 -7.19 17.58
C ASN A 181 3.49 -7.57 16.55
N VAL A 182 3.72 -7.24 15.28
CA VAL A 182 2.74 -7.54 14.25
C VAL A 182 2.45 -9.04 14.17
N PHE A 183 3.48 -9.85 14.35
CA PHE A 183 3.36 -11.29 14.33
C PHE A 183 2.53 -11.92 15.46
N GLY A 184 2.62 -11.37 16.67
CA GLY A 184 1.87 -11.89 17.80
C GLY A 184 2.21 -11.29 19.14
N THR A 185 1.63 -11.85 20.20
CA THR A 185 1.89 -11.39 21.55
C THR A 185 2.19 -12.57 22.48
N VAL A 186 2.87 -12.29 23.58
CA VAL A 186 3.15 -13.29 24.60
C VAL A 186 3.32 -12.60 25.95
N ASP A 187 3.06 -13.33 27.03
CA ASP A 187 3.21 -12.76 28.36
C ASP A 187 3.60 -13.81 29.38
N ALA A 188 4.16 -13.34 30.50
CA ALA A 188 4.56 -14.23 31.58
C ALA A 188 4.24 -13.57 32.92
N ILE A 189 3.87 -14.37 33.91
CA ILE A 189 3.54 -13.86 35.23
C ILE A 189 4.60 -14.21 36.26
N LEU A 190 5.14 -13.19 36.90
CA LEU A 190 6.18 -13.37 37.91
C LEU A 190 5.64 -13.07 39.30
N ASP A 191 5.73 -14.04 40.19
CA ASP A 191 5.27 -13.85 41.56
C ASP A 191 6.39 -13.30 42.43
N VAL A 192 6.23 -12.05 42.88
CA VAL A 192 7.26 -11.40 43.68
C VAL A 192 6.96 -11.43 45.17
N GLU A 193 7.94 -11.82 45.96
CA GLU A 193 7.79 -11.89 47.41
C GLU A 193 8.88 -11.06 48.07
N ILE A 194 8.53 -10.31 49.11
CA ILE A 194 9.51 -9.48 49.80
C ILE A 194 9.89 -10.08 51.16
N GLN A 195 11.19 -10.27 51.38
CA GLN A 195 11.69 -10.84 52.62
C GLN A 195 12.44 -9.83 53.47
N ASP A 196 12.08 -9.75 54.75
CA ASP A 196 12.72 -8.85 55.69
C ASP A 196 14.18 -9.29 55.84
N LYS A 197 15.11 -8.41 55.49
CA LYS A 197 16.54 -8.75 55.60
C LYS A 197 17.44 -7.54 55.38
N ALA B 2 -26.16 -3.20 55.33
CA ALA B 2 -26.81 -2.09 54.65
C ALA B 2 -26.43 -2.03 53.17
N MET B 3 -25.16 -2.27 52.88
CA MET B 3 -24.72 -2.22 51.50
C MET B 3 -24.30 -3.60 50.98
N SER B 4 -24.91 -3.97 49.86
CA SER B 4 -24.65 -5.22 49.18
C SER B 4 -24.51 -4.81 47.73
N GLY B 5 -23.30 -4.85 47.24
CA GLY B 5 -23.06 -4.42 45.88
C GLY B 5 -21.82 -5.16 45.46
N GLU B 6 -21.52 -5.12 44.18
CA GLU B 6 -20.34 -5.79 43.73
C GLU B 6 -19.44 -4.78 43.07
N ALA B 7 -18.20 -4.74 43.49
CA ALA B 7 -17.24 -3.82 42.96
C ALA B 7 -16.92 -4.29 41.57
N PRO B 8 -16.45 -3.40 40.71
CA PRO B 8 -16.15 -3.81 39.35
C PRO B 8 -15.09 -4.90 39.29
N GLY B 9 -15.36 -5.90 38.47
CA GLY B 9 -14.47 -7.00 38.30
C GLY B 9 -14.16 -7.14 36.83
N ILE B 10 -12.96 -7.56 36.51
CA ILE B 10 -12.58 -7.70 35.14
C ILE B 10 -12.82 -9.09 34.62
N ARG B 11 -13.79 -9.20 33.73
CA ARG B 11 -14.11 -10.45 33.13
C ARG B 11 -13.00 -10.74 32.15
N LYS B 12 -12.63 -9.74 31.38
CA LYS B 12 -11.56 -9.89 30.42
C LYS B 12 -10.78 -8.61 30.33
N GLU B 13 -9.47 -8.67 30.55
CA GLU B 13 -8.63 -7.47 30.49
C GLU B 13 -8.31 -6.99 29.10
N MET B 14 -7.84 -5.75 29.01
CA MET B 14 -7.48 -5.15 27.74
C MET B 14 -6.33 -5.90 27.07
N LYS B 15 -6.38 -5.97 25.74
CA LYS B 15 -5.34 -6.65 24.97
C LYS B 15 -4.67 -5.72 23.98
N ASP B 16 -3.40 -5.96 23.71
CA ASP B 16 -2.66 -5.18 22.70
C ASP B 16 -3.33 -5.32 21.34
N VAL B 17 -3.51 -4.19 20.66
CA VAL B 17 -4.16 -4.17 19.36
C VAL B 17 -3.27 -3.53 18.30
N THR B 18 -3.36 -4.04 17.08
CA THR B 18 -2.61 -3.47 15.96
C THR B 18 -3.54 -3.14 14.80
N THR B 19 -3.32 -1.98 14.20
CA THR B 19 -4.11 -1.55 13.05
C THR B 19 -3.24 -0.74 12.10
N LYS B 20 -3.73 -0.58 10.87
CA LYS B 20 -3.00 0.20 9.90
C LYS B 20 -3.16 1.68 10.19
N LEU B 21 -2.07 2.43 10.04
CA LEU B 21 -2.11 3.87 10.23
C LEU B 21 -3.05 4.53 9.23
N GLY B 22 -4.11 5.14 9.75
CA GLY B 22 -5.11 5.77 8.91
C GLY B 22 -6.46 5.10 9.06
N GLU B 23 -6.46 3.94 9.72
CA GLU B 23 -7.70 3.19 9.94
C GLU B 23 -8.14 3.26 11.40
N ALA B 24 -9.25 2.58 11.70
CA ALA B 24 -9.79 2.57 13.05
C ALA B 24 -9.28 1.37 13.84
N ALA B 25 -8.89 1.62 15.09
CA ALA B 25 -8.46 0.56 15.98
C ALA B 25 -9.47 0.40 17.11
N GLN B 26 -9.70 -0.84 17.53
CA GLN B 26 -10.66 -1.12 18.58
C GLN B 26 -10.01 -1.72 19.83
N LEU B 27 -9.97 -0.94 20.90
CA LEU B 27 -9.50 -1.43 22.18
C LEU B 27 -10.71 -1.87 23.01
N SER B 28 -10.61 -3.03 23.64
CA SER B 28 -11.76 -3.63 24.30
C SER B 28 -11.43 -4.33 25.61
N CYS B 29 -12.40 -4.35 26.51
CA CYS B 29 -12.28 -5.06 27.78
C CYS B 29 -13.66 -5.42 28.29
N GLN B 30 -13.72 -6.39 29.19
CA GLN B 30 -14.97 -6.80 29.80
C GLN B 30 -14.95 -6.51 31.31
N ILE B 31 -15.84 -5.63 31.75
CA ILE B 31 -15.92 -5.28 33.16
C ILE B 31 -17.37 -5.26 33.64
N VAL B 32 -17.67 -6.04 34.66
CA VAL B 32 -19.01 -6.07 35.22
C VAL B 32 -19.01 -5.56 36.63
N GLY B 33 -20.12 -4.98 37.07
CA GLY B 33 -20.27 -4.52 38.43
C GLY B 33 -21.72 -4.29 38.82
N ARG B 34 -22.02 -4.30 40.11
CA ARG B 34 -23.34 -3.96 40.59
C ARG B 34 -23.13 -2.99 41.73
N PRO B 35 -23.62 -1.77 41.63
CA PRO B 35 -24.36 -1.27 40.46
C PRO B 35 -23.47 -1.11 39.24
N LEU B 36 -24.07 -1.01 38.07
CA LEU B 36 -23.32 -0.93 36.85
C LEU B 36 -22.35 0.23 36.93
N PRO B 37 -21.12 -0.06 36.57
CA PRO B 37 -20.03 0.90 36.65
C PRO B 37 -20.02 1.98 35.61
N ASP B 38 -19.46 3.10 35.99
CA ASP B 38 -19.27 4.17 35.01
C ASP B 38 -17.93 3.96 34.32
N ILE B 39 -17.96 3.98 32.98
CA ILE B 39 -16.76 3.67 32.20
C ILE B 39 -16.09 4.91 31.63
N LYS B 40 -14.80 5.06 31.90
CA LYS B 40 -14.03 6.18 31.36
C LYS B 40 -12.70 5.72 30.76
N TRP B 41 -12.29 6.36 29.67
CA TRP B 41 -11.05 6.02 28.99
C TRP B 41 -10.04 7.15 29.15
N TYR B 42 -8.83 6.79 29.56
CA TYR B 42 -7.79 7.78 29.79
C TYR B 42 -6.62 7.65 28.83
N ARG B 43 -5.97 8.78 28.56
CA ARG B 43 -4.87 8.86 27.60
C ARG B 43 -3.88 9.92 28.07
N PHE B 44 -2.69 9.49 28.49
CA PHE B 44 -1.67 10.39 29.00
C PHE B 44 -2.13 11.12 30.26
N GLY B 45 -3.04 10.50 31.00
CA GLY B 45 -3.50 11.06 32.26
C GLY B 45 -4.81 11.83 32.17
N LYS B 46 -5.16 12.26 30.97
CA LYS B 46 -6.39 13.01 30.77
C LYS B 46 -7.49 12.13 30.16
N GLU B 47 -8.73 12.39 30.55
CA GLU B 47 -9.86 11.60 30.08
C GLU B 47 -10.17 11.89 28.62
N LEU B 48 -10.48 10.84 27.86
CA LEU B 48 -10.87 10.98 26.47
C LEU B 48 -12.34 11.33 26.35
N ILE B 49 -12.66 12.31 25.52
CA ILE B 49 -14.03 12.73 25.33
C ILE B 49 -14.57 12.25 24.02
N GLN B 50 -15.78 11.74 24.05
CA GLN B 50 -16.39 11.15 22.90
C GLN B 50 -16.40 12.15 21.79
N SER B 51 -15.92 11.72 20.62
CA SER B 51 -15.75 12.60 19.49
C SER B 51 -15.67 11.79 18.21
N ARG B 52 -15.46 12.48 17.10
CA ARG B 52 -15.31 11.79 15.84
C ARG B 52 -14.09 10.88 15.93
N LYS B 53 -13.01 11.39 16.51
CA LYS B 53 -11.81 10.58 16.71
C LYS B 53 -11.91 9.45 17.73
N TYR B 54 -12.55 9.72 18.87
CA TYR B 54 -12.70 8.71 19.88
C TYR B 54 -14.11 8.30 20.09
N LYS B 55 -14.42 7.06 19.80
CA LYS B 55 -15.74 6.57 20.01
C LYS B 55 -15.82 5.45 21.00
N MET B 56 -16.44 5.73 22.14
CA MET B 56 -16.62 4.76 23.20
C MET B 56 -18.00 4.15 23.19
N SER B 57 -18.07 2.84 23.34
CA SER B 57 -19.33 2.15 23.33
C SER B 57 -19.35 1.04 24.36
N SER B 58 -20.53 0.72 24.86
CA SER B 58 -20.65 -0.34 25.85
C SER B 58 -21.95 -1.11 25.71
N ASP B 59 -21.94 -2.40 26.00
CA ASP B 59 -23.15 -3.19 26.06
C ASP B 59 -23.49 -3.59 27.48
N GLY B 60 -22.77 -3.00 28.39
CA GLY B 60 -22.89 -3.22 29.81
C GLY B 60 -21.87 -4.19 30.31
N ARG B 61 -21.28 -4.96 29.42
CA ARG B 61 -20.23 -5.88 29.77
C ARG B 61 -18.94 -5.57 29.05
N THR B 62 -19.05 -5.40 27.76
CA THR B 62 -17.91 -5.20 26.91
C THR B 62 -17.86 -3.75 26.57
N HIS B 63 -16.75 -3.10 26.84
CA HIS B 63 -16.60 -1.69 26.60
C HIS B 63 -15.53 -1.49 25.60
N THR B 64 -15.87 -0.71 24.60
CA THR B 64 -15.08 -0.51 23.42
C THR B 64 -14.60 0.92 23.21
N LEU B 65 -13.37 1.07 22.75
CA LEU B 65 -12.82 2.37 22.43
C LEU B 65 -12.38 2.23 21.00
N THR B 66 -12.88 3.07 20.12
CA THR B 66 -12.48 3.00 18.73
C THR B 66 -11.69 4.24 18.44
N VAL B 67 -10.46 4.06 18.00
CA VAL B 67 -9.62 5.19 17.68
C VAL B 67 -9.40 5.30 16.20
N MET B 68 -9.66 6.47 15.66
CA MET B 68 -9.46 6.72 14.24
C MET B 68 -8.05 7.26 14.20
N THR B 69 -7.10 6.39 13.92
CA THR B 69 -5.72 6.79 13.90
C THR B 69 -5.41 7.74 12.79
N GLU B 70 -4.75 8.81 13.12
CA GLU B 70 -4.36 9.74 12.12
C GLU B 70 -2.88 10.07 12.12
N GLU B 71 -2.19 9.74 13.20
CA GLU B 71 -0.77 9.97 13.30
C GLU B 71 -0.06 8.89 14.10
N GLN B 72 1.24 8.74 13.87
CA GLN B 72 2.06 7.77 14.56
C GLN B 72 1.95 8.04 16.02
N GLU B 73 1.64 9.26 16.42
CA GLU B 73 1.48 9.60 17.84
C GLU B 73 0.32 8.88 18.54
N ASP B 74 -0.64 8.41 17.77
CA ASP B 74 -1.80 7.71 18.27
C ASP B 74 -1.47 6.37 18.93
N GLU B 75 -0.36 5.81 18.55
CA GLU B 75 0.07 4.55 19.07
C GLU B 75 0.32 4.70 20.54
N GLY B 76 0.31 3.61 21.27
CA GLY B 76 0.57 3.74 22.67
C GLY B 76 -0.43 3.16 23.62
N VAL B 77 -0.25 3.52 24.87
CA VAL B 77 -1.07 3.06 25.95
C VAL B 77 -2.42 3.72 26.12
N TYR B 78 -3.44 2.90 26.26
CA TYR B 78 -4.80 3.36 26.51
C TYR B 78 -5.36 2.67 27.74
N THR B 79 -6.08 3.41 28.57
CA THR B 79 -6.56 2.87 29.84
C THR B 79 -8.07 2.99 30.00
N CYS B 80 -8.69 1.95 30.52
CA CYS B 80 -10.12 1.98 30.76
C CYS B 80 -10.32 1.80 32.26
N ILE B 81 -11.06 2.70 32.87
CA ILE B 81 -11.32 2.62 34.30
C ILE B 81 -12.80 2.47 34.59
N ALA B 82 -13.14 1.49 35.43
CA ALA B 82 -14.53 1.25 35.79
C ALA B 82 -14.73 1.62 37.25
N THR B 83 -15.65 2.54 37.50
CA THR B 83 -15.93 3.00 38.85
C THR B 83 -17.38 2.88 39.27
N ASN B 84 -17.60 2.40 40.48
CA ASN B 84 -18.93 2.26 41.05
C ASN B 84 -18.85 2.66 42.51
N GLU B 85 -19.99 2.80 43.17
CA GLU B 85 -19.99 3.22 44.56
C GLU B 85 -19.18 2.24 45.39
N VAL B 86 -19.29 0.97 45.07
CA VAL B 86 -18.53 -0.06 45.77
C VAL B 86 -17.02 0.03 45.52
N GLY B 87 -16.61 0.38 44.31
CA GLY B 87 -15.19 0.48 43.99
C GLY B 87 -14.81 0.76 42.54
N GLU B 88 -13.53 0.64 42.23
CA GLU B 88 -13.02 0.86 40.89
C GLU B 88 -12.03 -0.22 40.44
N VAL B 89 -11.92 -0.41 39.14
CA VAL B 89 -11.03 -1.39 38.54
C VAL B 89 -10.34 -0.72 37.34
N GLU B 90 -9.18 -1.24 36.94
CA GLU B 90 -8.42 -0.65 35.85
C GLU B 90 -7.81 -1.65 34.88
N THR B 91 -7.71 -1.28 33.60
CA THR B 91 -7.08 -2.15 32.62
C THR B 91 -6.49 -1.36 31.46
N SER B 92 -5.26 -1.70 31.07
CA SER B 92 -4.56 -0.95 30.04
C SER B 92 -3.93 -1.85 28.99
N SER B 93 -3.79 -1.31 27.78
CA SER B 93 -3.12 -2.01 26.68
C SER B 93 -2.53 -0.99 25.71
N LYS B 94 -1.82 -1.49 24.70
CA LYS B 94 -1.16 -0.61 23.75
C LYS B 94 -1.70 -0.76 22.33
N LEU B 95 -1.74 0.35 21.61
CA LEU B 95 -2.13 0.34 20.20
C LEU B 95 -0.88 0.36 19.33
N LEU B 96 -0.66 -0.72 18.59
CA LEU B 96 0.46 -0.80 17.66
C LEU B 96 0.03 -0.44 16.24
N LEU B 97 0.77 0.46 15.62
CA LEU B 97 0.43 0.92 14.27
C LEU B 97 1.20 0.15 13.20
N GLN B 98 0.68 0.20 11.99
CA GLN B 98 1.34 -0.40 10.83
C GLN B 98 1.40 0.61 9.70
N ALA B 99 2.61 0.93 9.27
CA ALA B 99 2.81 1.89 8.19
C ALA B 99 4.07 1.58 7.41
N THR B 100 3.96 1.52 6.11
CA THR B 100 5.09 1.30 5.25
C THR B 100 5.91 2.54 5.39
N PRO B 101 7.20 2.41 5.34
CA PRO B 101 8.09 3.54 5.51
C PRO B 101 7.93 4.64 4.49
N GLN B 102 7.87 5.88 4.95
CA GLN B 102 7.60 7.02 4.14
C GLN B 102 8.33 8.22 4.64
N PHE B 103 8.86 9.09 3.81
CA PHE B 103 9.42 10.30 4.38
C PHE B 103 8.22 11.17 4.72
N HIS B 104 8.28 11.86 5.85
CA HIS B 104 7.13 12.64 6.27
C HIS B 104 6.69 13.70 5.27
N PRO B 105 5.41 13.66 4.92
CA PRO B 105 4.79 14.58 3.98
C PRO B 105 4.82 16.01 4.48
N GLY B 106 4.62 16.17 5.79
CA GLY B 106 4.61 17.49 6.39
C GLY B 106 5.94 18.21 6.24
N TYR B 107 7.03 17.46 6.34
CA TYR B 107 8.34 18.06 6.20
C TYR B 107 9.03 17.51 4.98
N PRO B 108 8.97 18.27 3.90
CA PRO B 108 9.58 17.86 2.64
C PRO B 108 11.09 17.91 2.69
N LEU B 109 11.72 16.95 2.04
CA LEU B 109 13.17 16.87 1.99
C LEU B 109 13.60 17.59 0.74
N LYS B 110 14.48 18.56 0.89
CA LYS B 110 14.97 19.29 -0.24
C LYS B 110 16.02 18.51 -0.91
N GLU B 111 16.28 18.84 -2.15
CA GLU B 111 17.30 18.21 -2.95
C GLU B 111 18.71 18.45 -2.46
N LYS B 112 18.97 19.69 -2.07
CA LYS B 112 20.29 20.13 -1.68
C LYS B 112 20.33 20.75 -0.32
N TYR B 113 21.42 20.51 0.37
CA TYR B 113 21.66 21.00 1.70
C TYR B 113 23.03 21.57 1.73
N TYR B 114 23.22 22.58 2.57
CA TYR B 114 24.46 23.32 2.67
C TYR B 114 24.98 23.49 4.08
N GLY B 115 26.30 23.49 4.25
CA GLY B 115 26.91 23.68 5.55
C GLY B 115 28.18 24.51 5.44
N ALA B 116 28.35 25.46 6.36
CA ALA B 116 29.52 26.32 6.36
C ALA B 116 30.76 25.47 6.64
N VAL B 117 31.88 25.86 6.06
CA VAL B 117 33.12 25.12 6.25
C VAL B 117 33.52 25.12 7.71
N GLY B 118 33.88 23.95 8.21
CA GLY B 118 34.32 23.78 9.59
C GLY B 118 33.20 23.79 10.61
N SER B 119 31.96 23.84 10.15
CA SER B 119 30.81 23.87 11.03
C SER B 119 30.11 22.52 11.07
N THR B 120 29.24 22.35 12.06
CA THR B 120 28.50 21.09 12.18
C THR B 120 27.26 21.12 11.30
N LEU B 121 27.04 20.06 10.56
CA LEU B 121 25.87 19.98 9.70
C LEU B 121 24.97 18.89 10.24
N ARG B 122 23.72 19.22 10.48
CA ARG B 122 22.76 18.26 10.99
C ARG B 122 21.59 18.06 10.05
N LEU B 123 21.32 16.82 9.69
CA LEU B 123 20.20 16.52 8.80
C LEU B 123 19.13 15.87 9.66
N HIS B 124 17.98 16.53 9.78
CA HIS B 124 16.90 16.01 10.58
C HIS B 124 15.80 15.52 9.67
N VAL B 125 15.62 14.21 9.62
CA VAL B 125 14.63 13.63 8.73
C VAL B 125 13.46 13.01 9.46
N MET B 126 12.29 13.61 9.29
CA MET B 126 11.07 13.11 9.85
C MET B 126 10.50 12.04 8.95
N TYR B 127 9.99 10.98 9.54
CA TYR B 127 9.47 9.89 8.77
C TYR B 127 8.25 9.28 9.42
N ILE B 128 7.53 8.51 8.64
CA ILE B 128 6.39 7.76 9.11
C ILE B 128 6.73 6.31 8.88
N GLY B 129 6.64 5.47 9.89
CA GLY B 129 6.95 4.08 9.65
C GLY B 129 6.81 3.19 10.82
N ARG B 130 5.85 2.31 10.82
CA ARG B 130 5.62 1.40 11.89
C ARG B 130 5.51 -0.06 11.44
N PRO B 131 6.24 -0.96 12.02
CA PRO B 131 7.17 -0.76 13.10
C PRO B 131 8.34 0.08 12.71
N VAL B 132 8.93 0.74 13.69
CA VAL B 132 10.06 1.60 13.51
C VAL B 132 11.03 0.80 12.73
N PRO B 133 11.44 1.39 11.65
CA PRO B 133 12.35 0.84 10.68
C PRO B 133 13.82 0.92 10.95
N ALA B 134 14.56 0.12 10.24
CA ALA B 134 15.99 0.12 10.29
C ALA B 134 16.35 1.37 9.48
N MET B 135 17.14 2.23 10.07
CA MET B 135 17.52 3.48 9.49
C MET B 135 18.99 3.49 9.10
N THR B 136 19.28 3.86 7.87
CA THR B 136 20.66 3.80 7.40
C THR B 136 21.07 5.05 6.63
N TRP B 137 22.28 5.53 6.87
CA TRP B 137 22.83 6.67 6.14
C TRP B 137 24.04 6.27 5.31
N PHE B 138 24.13 6.80 4.10
CA PHE B 138 25.28 6.54 3.23
C PHE B 138 25.87 7.84 2.72
N HIS B 139 27.18 7.94 2.70
CA HIS B 139 27.84 8.98 1.93
C HIS B 139 28.52 8.31 0.75
N GLY B 140 27.82 8.31 -0.38
CA GLY B 140 28.26 7.53 -1.53
C GLY B 140 27.93 6.08 -1.30
N GLN B 141 28.95 5.24 -1.28
CA GLN B 141 28.75 3.81 -1.06
C GLN B 141 29.17 3.43 0.36
N LYS B 142 29.56 4.41 1.15
CA LYS B 142 30.03 4.17 2.50
C LYS B 142 28.90 4.31 3.52
N LEU B 143 28.56 3.21 4.18
CA LEU B 143 27.53 3.24 5.22
C LEU B 143 28.06 3.98 6.44
N LEU B 144 27.36 5.00 6.89
CA LEU B 144 27.79 5.81 7.98
C LEU B 144 27.57 5.27 9.34
N GLN B 145 28.63 5.23 10.11
CA GLN B 145 28.61 4.71 11.46
C GLN B 145 29.08 5.69 12.47
N ASN B 146 28.55 5.67 13.66
CA ASN B 146 28.93 6.68 14.63
C ASN B 146 30.41 6.69 14.87
N SER B 147 30.98 7.87 14.89
CA SER B 147 32.39 8.06 15.08
C SER B 147 32.63 9.36 15.75
N GLU B 148 33.87 9.81 15.70
CA GLU B 148 34.27 11.07 16.30
C GLU B 148 33.63 12.26 15.59
N ASN B 149 33.65 12.18 14.26
CA ASN B 149 33.09 13.22 13.42
C ASN B 149 31.64 12.99 13.03
N ILE B 150 31.16 11.78 13.24
CA ILE B 150 29.79 11.42 12.88
C ILE B 150 28.96 10.82 14.00
N THR B 151 27.76 11.36 14.18
CA THR B 151 26.83 10.84 15.16
C THR B 151 25.44 10.70 14.54
N ILE B 152 24.79 9.56 14.73
CA ILE B 152 23.45 9.34 14.22
C ILE B 152 22.48 9.00 15.33
N GLU B 153 21.48 9.85 15.51
CA GLU B 153 20.46 9.65 16.54
C GLU B 153 19.16 9.18 15.89
N ASN B 154 18.83 7.91 16.07
CA ASN B 154 17.61 7.36 15.49
C ASN B 154 16.44 7.26 16.48
N THR B 155 15.33 7.90 16.13
CA THR B 155 14.16 7.97 16.98
C THR B 155 12.93 7.42 16.25
N GLU B 156 11.85 7.16 16.99
CA GLU B 156 10.62 6.66 16.40
C GLU B 156 9.90 7.73 15.59
N HIS B 157 10.52 8.91 15.49
CA HIS B 157 9.92 10.01 14.75
C HIS B 157 10.85 10.59 13.69
N TYR B 158 12.14 10.32 13.82
CA TYR B 158 13.12 10.87 12.87
C TYR B 158 14.44 10.12 12.90
N THR B 159 15.26 10.36 11.88
CA THR B 159 16.65 9.95 11.89
C THR B 159 17.53 11.19 11.79
N HIS B 160 18.37 11.41 12.80
CA HIS B 160 19.15 12.64 12.88
C HIS B 160 20.64 12.40 12.67
N LEU B 161 21.18 12.97 11.60
CA LEU B 161 22.60 12.81 11.26
C LEU B 161 23.39 14.05 11.63
N VAL B 162 24.48 13.88 12.36
CA VAL B 162 25.34 14.99 12.74
C VAL B 162 26.76 14.86 12.21
N MET B 163 27.22 15.87 11.52
CA MET B 163 28.59 15.86 11.03
C MET B 163 29.37 17.06 11.50
N LYS B 164 30.42 16.79 12.23
CA LYS B 164 31.29 17.83 12.77
C LYS B 164 32.32 18.25 11.79
N ASN B 165 32.67 19.51 11.83
CA ASN B 165 33.78 20.02 11.07
C ASN B 165 33.81 19.70 9.60
N VAL B 166 32.69 19.93 8.93
CA VAL B 166 32.63 19.62 7.52
C VAL B 166 33.58 20.39 6.61
N GLN B 167 34.19 19.64 5.71
CA GLN B 167 35.09 20.16 4.73
C GLN B 167 34.59 19.67 3.40
N ARG B 168 34.84 20.40 2.35
CA ARG B 168 34.34 20.04 1.05
C ARG B 168 34.89 18.72 0.49
N LYS B 169 36.14 18.48 0.72
CA LYS B 169 36.77 17.24 0.26
C LYS B 169 36.15 16.01 0.90
N THR B 170 35.88 16.08 2.19
CA THR B 170 35.45 14.92 2.96
C THR B 170 33.94 14.76 3.08
N HIS B 171 33.20 15.87 3.07
CA HIS B 171 31.77 15.82 3.36
C HIS B 171 30.86 16.13 2.17
N ALA B 172 31.38 16.84 1.18
CA ALA B 172 30.57 17.17 0.01
C ALA B 172 30.22 15.90 -0.77
N GLY B 173 29.12 15.96 -1.52
CA GLY B 173 28.70 14.82 -2.32
C GLY B 173 27.26 14.41 -2.06
N LYS B 174 26.95 13.17 -2.41
CA LYS B 174 25.59 12.66 -2.28
C LYS B 174 25.42 11.75 -1.07
N TYR B 175 24.33 11.94 -0.35
CA TYR B 175 24.01 11.15 0.83
C TYR B 175 22.70 10.42 0.64
N LYS B 176 22.64 9.17 1.10
CA LYS B 176 21.40 8.41 1.04
C LYS B 176 20.91 8.06 2.44
N VAL B 177 19.63 8.34 2.69
CA VAL B 177 18.99 7.91 3.93
C VAL B 177 17.95 6.84 3.60
N GLN B 178 18.09 5.68 4.23
CA GLN B 178 17.24 4.54 3.89
C GLN B 178 16.36 4.10 5.06
N LEU B 179 15.10 3.81 4.76
CA LEU B 179 14.14 3.36 5.76
C LEU B 179 13.57 2.01 5.35
N SER B 180 13.63 1.04 6.25
CA SER B 180 13.14 -0.31 5.95
C SER B 180 12.48 -1.02 7.13
N ASN B 181 11.28 -1.54 6.90
CA ASN B 181 10.64 -2.46 7.81
C ASN B 181 9.95 -3.58 7.03
N VAL B 182 9.22 -4.46 7.70
CA VAL B 182 8.63 -5.61 7.03
C VAL B 182 7.68 -5.24 5.92
N PHE B 183 6.97 -4.14 6.10
CA PHE B 183 6.07 -3.61 5.11
C PHE B 183 6.72 -3.09 3.83
N GLY B 184 7.88 -2.47 3.93
CA GLY B 184 8.53 -1.92 2.76
C GLY B 184 9.79 -1.12 2.97
N THR B 185 10.27 -0.50 1.90
CA THR B 185 11.47 0.33 1.96
C THR B 185 11.37 1.63 1.19
N VAL B 186 12.02 2.65 1.70
CA VAL B 186 12.04 3.94 1.05
C VAL B 186 13.42 4.59 1.23
N ASP B 187 13.84 5.39 0.25
CA ASP B 187 15.13 6.05 0.36
C ASP B 187 15.12 7.43 -0.27
N ALA B 188 15.94 8.32 0.25
CA ALA B 188 16.05 9.65 -0.32
C ALA B 188 17.51 10.03 -0.50
N ILE B 189 17.82 10.62 -1.65
CA ILE B 189 19.19 11.05 -1.95
C ILE B 189 19.34 12.55 -1.79
N LEU B 190 20.13 12.95 -0.80
CA LEU B 190 20.39 14.35 -0.53
C LEU B 190 21.77 14.74 -1.06
N ASP B 191 21.85 15.89 -1.72
CA ASP B 191 23.12 16.38 -2.23
C ASP B 191 23.67 17.47 -1.32
N VAL B 192 24.74 17.16 -0.61
CA VAL B 192 25.33 18.11 0.34
C VAL B 192 26.46 18.92 -0.27
N GLU B 193 26.41 20.23 -0.08
CA GLU B 193 27.44 21.11 -0.58
C GLU B 193 28.07 21.89 0.56
N ILE B 194 29.38 21.97 0.57
CA ILE B 194 30.13 22.70 1.60
C ILE B 194 30.55 24.06 1.04
N GLN B 195 30.27 25.13 1.78
CA GLN B 195 30.58 26.48 1.34
C GLN B 195 31.32 27.29 2.36
N ASP B 196 31.97 28.35 1.89
CA ASP B 196 32.84 29.21 2.69
C ASP B 196 32.25 29.91 3.91
N LYS B 197 33.05 29.95 4.96
CA LYS B 197 32.71 30.61 6.21
C LYS B 197 31.92 29.75 7.19
N MET C 3 30.79 6.60 -42.75
CA MET C 3 29.77 7.13 -41.85
C MET C 3 29.48 8.60 -42.14
N SER C 4 28.23 8.88 -42.47
CA SER C 4 27.75 10.22 -42.79
C SER C 4 26.46 10.43 -41.99
N GLY C 5 26.03 11.68 -41.83
CA GLY C 5 24.85 11.94 -41.05
C GLY C 5 23.56 11.26 -41.44
N GLU C 6 22.83 10.81 -40.44
CA GLU C 6 21.57 10.13 -40.60
C GLU C 6 20.60 10.62 -39.57
N ALA C 7 19.37 10.86 -39.98
CA ALA C 7 18.32 11.32 -39.08
C ALA C 7 18.00 10.23 -38.09
N PRO C 8 17.59 10.60 -36.89
CA PRO C 8 17.26 9.66 -35.84
C PRO C 8 16.25 8.62 -36.29
N GLY C 9 16.56 7.37 -36.03
CA GLY C 9 15.69 6.28 -36.42
C GLY C 9 15.40 5.40 -35.24
N ILE C 10 14.22 4.84 -35.23
CA ILE C 10 13.82 3.98 -34.15
C ILE C 10 14.10 2.52 -34.41
N ARG C 11 14.99 1.96 -33.59
CA ARG C 11 15.26 0.54 -33.54
C ARG C 11 14.18 -0.24 -32.77
N LYS C 12 13.71 0.35 -31.68
CA LYS C 12 12.65 -0.24 -30.87
C LYS C 12 11.73 0.84 -30.32
N GLU C 13 10.42 0.68 -30.45
CA GLU C 13 9.45 1.63 -29.92
C GLU C 13 9.24 1.43 -28.43
N MET C 14 8.72 2.44 -27.77
CA MET C 14 8.36 2.32 -26.36
C MET C 14 7.24 1.31 -26.23
N LYS C 15 7.26 0.55 -25.14
CA LYS C 15 6.20 -0.43 -24.87
C LYS C 15 5.38 0.02 -23.67
N ASP C 16 4.15 -0.47 -23.60
CA ASP C 16 3.31 -0.21 -22.43
C ASP C 16 3.85 -0.96 -21.24
N VAL C 17 3.88 -0.30 -20.08
CA VAL C 17 4.42 -0.90 -18.87
C VAL C 17 3.41 -0.83 -17.74
N THR C 18 3.23 -1.95 -17.03
CA THR C 18 2.38 -1.96 -15.86
C THR C 18 3.20 -2.14 -14.59
N THR C 19 2.93 -1.34 -13.59
CA THR C 19 3.65 -1.41 -12.36
C THR C 19 2.73 -1.08 -11.21
N LYS C 20 3.04 -1.60 -10.04
CA LYS C 20 2.31 -1.36 -8.82
C LYS C 20 2.42 0.08 -8.32
N LEU C 21 1.35 0.61 -7.74
CA LEU C 21 1.41 2.00 -7.31
C LEU C 21 2.35 2.22 -6.15
N GLY C 22 3.22 3.19 -6.30
CA GLY C 22 4.19 3.48 -5.28
C GLY C 22 5.51 2.79 -5.58
N GLU C 23 5.63 2.29 -6.80
CA GLU C 23 6.83 1.58 -7.22
C GLU C 23 7.44 2.25 -8.44
N ALA C 24 8.62 1.78 -8.85
CA ALA C 24 9.34 2.37 -9.97
C ALA C 24 8.91 1.74 -11.30
N ALA C 25 8.63 2.59 -12.28
CA ALA C 25 8.27 2.13 -13.62
C ALA C 25 9.38 2.51 -14.59
N GLN C 26 9.78 1.57 -15.44
CA GLN C 26 10.87 1.81 -16.37
C GLN C 26 10.40 1.74 -17.82
N LEU C 27 10.26 2.91 -18.45
CA LEU C 27 9.90 2.97 -19.87
C LEU C 27 11.18 3.04 -20.70
N SER C 28 11.18 2.34 -21.83
CA SER C 28 12.40 2.21 -22.63
C SER C 28 12.14 2.22 -24.14
N CYS C 29 13.15 2.64 -24.89
CA CYS C 29 13.10 2.63 -26.34
C CYS C 29 14.51 2.63 -26.92
N GLN C 30 14.63 2.24 -28.18
CA GLN C 30 15.93 2.26 -28.85
C GLN C 30 15.90 3.21 -30.04
N ILE C 31 16.76 4.22 -30.01
CA ILE C 31 16.85 5.19 -31.10
C ILE C 31 18.31 5.44 -31.47
N VAL C 32 18.60 5.48 -32.76
CA VAL C 32 19.95 5.71 -33.22
C VAL C 32 20.01 6.81 -34.26
N GLY C 33 21.06 7.63 -34.23
CA GLY C 33 21.22 8.69 -35.18
C GLY C 33 22.67 9.15 -35.33
N ARG C 34 22.97 9.77 -36.46
CA ARG C 34 24.30 10.29 -36.73
C ARG C 34 24.12 11.75 -37.10
N PRO C 35 24.61 12.68 -36.31
CA PRO C 35 25.33 12.46 -35.06
C PRO C 35 24.41 11.93 -33.96
N LEU C 36 24.98 11.45 -32.87
CA LEU C 36 24.17 10.90 -31.80
C LEU C 36 23.15 11.95 -31.40
N PRO C 37 21.90 11.53 -31.35
CA PRO C 37 20.76 12.41 -31.04
C PRO C 37 20.68 12.79 -29.56
N ASP C 38 20.18 13.99 -29.31
CA ASP C 38 19.89 14.44 -27.95
C ASP C 38 18.57 13.81 -27.51
N ILE C 39 18.53 13.29 -26.29
CA ILE C 39 17.37 12.56 -25.81
C ILE C 39 16.57 13.32 -24.77
N LYS C 40 15.32 13.66 -25.11
CA LYS C 40 14.43 14.35 -24.18
C LYS C 40 13.14 13.56 -23.94
N TRP C 41 12.63 13.62 -22.72
CA TRP C 41 11.40 12.94 -22.37
C TRP C 41 10.29 13.94 -22.06
N TYR C 42 9.09 13.67 -22.55
CA TYR C 42 7.99 14.61 -22.41
C TYR C 42 6.75 14.03 -21.73
N ARG C 43 5.92 14.92 -21.22
CA ARG C 43 4.74 14.56 -20.45
C ARG C 43 3.74 15.71 -20.50
N PHE C 44 2.66 15.52 -21.24
CA PHE C 44 1.67 16.58 -21.44
C PHE C 44 2.28 17.79 -22.14
N GLY C 45 3.18 17.54 -23.07
CA GLY C 45 3.80 18.60 -23.85
C GLY C 45 4.90 19.35 -23.12
N LYS C 46 5.15 18.97 -21.87
CA LYS C 46 6.19 19.61 -21.08
C LYS C 46 7.33 18.64 -20.78
N GLU C 47 8.55 19.11 -20.98
CA GLU C 47 9.74 18.31 -20.76
C GLU C 47 9.94 17.91 -19.32
N LEU C 48 10.48 16.72 -19.12
CA LEU C 48 10.75 16.18 -17.81
C LEU C 48 12.24 16.25 -17.59
N ILE C 49 12.64 16.76 -16.44
CA ILE C 49 14.05 16.88 -16.12
C ILE C 49 14.40 15.86 -15.08
N GLN C 50 15.65 15.44 -15.09
CA GLN C 50 16.11 14.45 -14.15
C GLN C 50 15.84 15.00 -12.78
N SER C 51 15.36 14.13 -11.92
CA SER C 51 15.03 14.47 -10.56
C SER C 51 14.90 13.20 -9.77
N ARG C 52 14.48 13.35 -8.53
CA ARG C 52 14.26 12.26 -7.63
C ARG C 52 13.16 11.36 -8.17
N LYS C 53 12.25 11.91 -8.96
CA LYS C 53 11.14 11.12 -9.46
C LYS C 53 11.41 10.53 -10.84
N TYR C 54 12.05 11.31 -11.70
CA TYR C 54 12.33 10.86 -13.07
C TYR C 54 13.82 10.65 -13.29
N LYS C 55 14.21 9.40 -13.56
CA LYS C 55 15.61 9.08 -13.81
C LYS C 55 15.84 8.68 -15.25
N MET C 56 16.58 9.51 -15.99
CA MET C 56 16.91 9.20 -17.38
C MET C 56 18.30 8.57 -17.49
N SER C 57 18.40 7.54 -18.33
CA SER C 57 19.65 6.83 -18.55
C SER C 57 19.77 6.38 -20.00
N SER C 58 21.00 6.32 -20.50
CA SER C 58 21.22 5.91 -21.88
C SER C 58 22.58 5.23 -22.06
N ASP C 59 22.65 4.34 -23.04
CA ASP C 59 23.86 3.62 -23.38
C ASP C 59 24.23 4.02 -24.80
N GLY C 60 23.51 5.02 -25.28
CA GLY C 60 23.67 5.57 -26.61
C GLY C 60 22.72 4.95 -27.61
N ARG C 61 22.18 3.80 -27.25
CA ARG C 61 21.22 3.09 -28.10
C ARG C 61 19.89 2.93 -27.39
N THR C 62 19.94 2.52 -26.12
CA THR C 62 18.75 2.32 -25.33
C THR C 62 18.61 3.48 -24.36
N HIS C 63 17.46 4.14 -24.42
CA HIS C 63 17.20 5.27 -23.57
C HIS C 63 16.09 4.88 -22.62
N THR C 64 16.32 5.11 -21.34
CA THR C 64 15.38 4.73 -20.31
C THR C 64 14.92 5.83 -19.38
N LEU C 65 13.66 5.77 -18.99
CA LEU C 65 13.08 6.72 -18.08
C LEU C 65 12.54 5.92 -16.92
N THR C 66 12.96 6.23 -15.70
CA THR C 66 12.45 5.51 -14.55
C THR C 66 11.57 6.45 -13.78
N VAL C 67 10.34 6.05 -13.55
CA VAL C 67 9.42 6.88 -12.83
C VAL C 67 9.03 6.27 -11.50
N MET C 68 9.11 7.08 -10.46
CA MET C 68 8.73 6.62 -9.15
C MET C 68 7.30 7.07 -9.01
N THR C 69 6.38 6.12 -9.18
CA THR C 69 5.00 6.40 -9.08
C THR C 69 4.60 6.77 -7.68
N GLU C 70 3.81 7.80 -7.53
CA GLU C 70 3.38 8.15 -6.23
C GLU C 70 1.90 8.32 -6.15
N GLU C 71 1.29 8.60 -7.28
CA GLU C 71 -0.13 8.77 -7.37
C GLU C 71 -0.61 8.16 -8.67
N GLN C 72 -1.89 7.84 -8.75
CA GLN C 72 -2.43 7.23 -9.95
C GLN C 72 -2.36 8.14 -11.17
N GLU C 73 -2.22 9.43 -10.94
CA GLU C 73 -2.11 10.43 -12.00
C GLU C 73 -0.87 10.20 -12.84
N ASP C 74 0.10 9.50 -12.27
CA ASP C 74 1.34 9.18 -12.94
C ASP C 74 1.10 8.31 -14.16
N GLU C 75 -0.01 7.60 -14.18
CA GLU C 75 -0.37 6.75 -15.30
C GLU C 75 -0.45 7.59 -16.57
N GLY C 76 -0.59 6.92 -17.72
CA GLY C 76 -0.81 7.61 -18.97
C GLY C 76 0.38 7.65 -19.91
N VAL C 77 0.34 8.60 -20.84
CA VAL C 77 1.31 8.69 -21.92
C VAL C 77 2.65 9.27 -21.50
N TYR C 78 3.72 8.67 -21.99
CA TYR C 78 5.07 9.22 -21.87
C TYR C 78 5.72 9.21 -23.24
N THR C 79 6.36 10.33 -23.61
CA THR C 79 6.92 10.46 -24.94
C THR C 79 8.44 10.67 -24.91
N CYS C 80 9.14 10.00 -25.82
CA CYS C 80 10.57 10.16 -25.96
C CYS C 80 10.92 10.71 -27.35
N ILE C 81 11.59 11.85 -27.36
CA ILE C 81 11.98 12.48 -28.60
C ILE C 81 13.50 12.55 -28.83
N ALA C 82 13.93 12.04 -29.98
CA ALA C 82 15.34 12.04 -30.33
C ALA C 82 15.59 13.06 -31.43
N THR C 83 16.47 14.00 -31.14
CA THR C 83 16.79 15.04 -32.09
C THR C 83 18.27 15.21 -32.37
N ASN C 84 18.59 15.42 -33.64
CA ASN C 84 19.95 15.64 -34.09
C ASN C 84 19.85 16.67 -35.20
N GLU C 85 20.97 17.13 -35.72
CA GLU C 85 20.93 18.15 -36.76
C GLU C 85 20.17 17.71 -38.02
N VAL C 86 20.27 16.44 -38.39
CA VAL C 86 19.55 15.93 -39.55
C VAL C 86 18.01 15.90 -39.40
N GLY C 87 17.51 15.58 -38.21
CA GLY C 87 16.08 15.52 -37.97
C GLY C 87 15.69 14.99 -36.60
N GLU C 88 14.40 14.76 -36.39
CA GLU C 88 13.94 14.27 -35.10
C GLU C 88 12.98 13.08 -35.20
N VAL C 89 12.97 12.22 -34.19
CA VAL C 89 12.11 11.04 -34.14
C VAL C 89 11.31 11.02 -32.84
N GLU C 90 10.22 10.29 -32.78
CA GLU C 90 9.37 10.32 -31.59
C GLU C 90 8.64 9.01 -31.34
N THR C 91 8.65 8.55 -30.10
CA THR C 91 7.95 7.33 -29.71
C THR C 91 7.27 7.47 -28.35
N SER C 92 6.08 6.89 -28.22
CA SER C 92 5.30 7.02 -27.00
C SER C 92 4.71 5.69 -26.54
N SER C 93 4.36 5.63 -25.26
CA SER C 93 3.65 4.48 -24.70
C SER C 93 2.97 4.90 -23.41
N LYS C 94 2.13 4.03 -22.85
CA LYS C 94 1.39 4.37 -21.65
C LYS C 94 1.83 3.56 -20.42
N LEU C 95 1.67 4.17 -19.26
CA LEU C 95 2.01 3.52 -18.00
C LEU C 95 0.74 3.10 -17.26
N LEU C 96 0.53 1.79 -17.16
CA LEU C 96 -0.62 1.25 -16.44
C LEU C 96 -0.24 0.89 -15.01
N LEU C 97 -1.05 1.34 -14.05
CA LEU C 97 -0.76 1.11 -12.64
C LEU C 97 -1.63 0.00 -12.05
N GLN C 98 -1.21 -0.48 -10.88
CA GLN C 98 -1.96 -1.51 -10.16
C GLN C 98 -2.16 -1.08 -8.71
N ALA C 99 -3.42 -0.98 -8.30
CA ALA C 99 -3.73 -0.59 -6.93
C ALA C 99 -5.11 -1.10 -6.52
N THR C 100 -5.16 -1.82 -5.41
CA THR C 100 -6.42 -2.29 -4.87
C THR C 100 -7.32 -1.10 -4.55
N PRO C 101 -8.62 -1.25 -4.81
CA PRO C 101 -9.58 -0.17 -4.51
C PRO C 101 -9.42 0.33 -3.08
N GLN C 102 -9.45 1.64 -2.90
CA GLN C 102 -9.22 2.25 -1.61
C GLN C 102 -9.74 3.68 -1.58
N PHE C 103 -10.64 3.97 -0.65
CA PHE C 103 -11.14 5.33 -0.49
C PHE C 103 -9.97 6.26 -0.18
N HIS C 104 -9.91 7.37 -0.92
CA HIS C 104 -8.75 8.25 -0.86
C HIS C 104 -8.43 8.72 0.57
N PRO C 105 -7.25 8.33 1.07
CA PRO C 105 -6.74 8.89 2.32
C PRO C 105 -6.35 10.34 2.11
N GLY C 106 -6.90 11.24 2.91
CA GLY C 106 -6.71 12.66 2.70
C GLY C 106 -8.05 13.34 2.51
N TYR C 107 -9.08 12.53 2.32
CA TYR C 107 -10.45 13.02 2.27
C TYR C 107 -11.34 12.05 3.04
N PRO C 108 -11.04 11.85 4.34
CA PRO C 108 -11.72 10.88 5.18
C PRO C 108 -13.23 11.03 5.12
N LEU C 109 -13.93 9.92 4.97
CA LEU C 109 -15.39 9.93 4.96
C LEU C 109 -15.93 9.98 6.39
N LYS C 110 -16.95 10.80 6.59
CA LYS C 110 -17.57 10.92 7.91
C LYS C 110 -18.60 9.83 8.11
N GLU C 111 -18.97 9.62 9.38
CA GLU C 111 -19.97 8.62 9.72
C GLU C 111 -21.37 9.03 9.25
N LYS C 112 -21.69 10.31 9.43
CA LYS C 112 -22.99 10.84 9.05
C LYS C 112 -22.92 12.04 8.13
N TYR C 113 -23.91 12.16 7.26
CA TYR C 113 -23.98 13.26 6.30
C TYR C 113 -25.34 13.93 6.37
N TYR C 114 -25.40 15.21 6.02
CA TYR C 114 -26.61 15.99 6.22
C TYR C 114 -27.07 16.74 4.97
N GLY C 115 -28.36 16.64 4.72
CA GLY C 115 -28.99 17.31 3.60
C GLY C 115 -30.23 18.02 4.10
N ALA C 116 -30.41 19.28 3.71
CA ALA C 116 -31.58 20.02 4.13
C ALA C 116 -32.78 19.48 3.36
N VAL C 117 -33.96 19.58 3.95
CA VAL C 117 -35.15 19.09 3.26
C VAL C 117 -35.38 19.88 1.99
N GLY C 118 -35.62 19.16 0.89
CA GLY C 118 -35.89 19.78 -0.40
C GLY C 118 -34.65 20.29 -1.09
N SER C 119 -33.50 20.06 -0.50
CA SER C 119 -32.23 20.51 -1.07
C SER C 119 -31.60 19.45 -1.95
N THR C 120 -30.60 19.85 -2.73
CA THR C 120 -29.83 18.92 -3.53
C THR C 120 -28.65 18.41 -2.71
N LEU C 121 -28.49 17.09 -2.68
CA LEU C 121 -27.45 16.46 -1.87
C LEU C 121 -26.36 15.84 -2.75
N ARG C 122 -25.11 16.18 -2.48
CA ARG C 122 -24.01 15.66 -3.26
C ARG C 122 -23.00 14.93 -2.41
N LEU C 123 -22.62 13.75 -2.84
CA LEU C 123 -21.63 12.98 -2.13
C LEU C 123 -20.51 12.81 -3.15
N HIS C 124 -19.34 13.35 -2.84
CA HIS C 124 -18.21 13.25 -3.73
C HIS C 124 -17.23 12.33 -3.05
N VAL C 125 -16.98 11.18 -3.65
CA VAL C 125 -16.07 10.22 -3.07
C VAL C 125 -14.80 10.07 -3.90
N MET C 126 -13.67 10.40 -3.29
CA MET C 126 -12.38 10.32 -3.94
C MET C 126 -11.81 8.96 -3.61
N TYR C 127 -11.25 8.32 -4.60
CA TYR C 127 -10.70 6.99 -4.40
C TYR C 127 -9.38 6.77 -5.07
N ILE C 128 -8.73 5.69 -4.67
CA ILE C 128 -7.60 5.13 -5.38
C ILE C 128 -7.80 3.67 -5.79
N GLY C 129 -7.80 3.37 -7.07
CA GLY C 129 -7.81 2.03 -7.58
C GLY C 129 -7.51 1.88 -9.04
N ARG C 130 -6.58 1.00 -9.39
CA ARG C 130 -6.24 0.75 -10.78
C ARG C 130 -6.10 -0.75 -10.95
N PRO C 131 -6.72 -1.33 -11.96
CA PRO C 131 -7.52 -0.63 -12.97
C PRO C 131 -8.75 0.02 -12.37
N VAL C 132 -9.30 1.01 -13.05
CA VAL C 132 -10.48 1.66 -12.49
C VAL C 132 -11.51 0.61 -12.18
N PRO C 133 -12.02 0.69 -10.96
CA PRO C 133 -13.01 -0.21 -10.40
C PRO C 133 -14.47 -0.01 -10.81
N ALA C 134 -15.26 -1.05 -10.57
CA ALA C 134 -16.66 -1.00 -10.86
C ALA C 134 -17.17 -0.29 -9.62
N MET C 135 -17.94 0.77 -9.80
CA MET C 135 -18.45 1.52 -8.67
C MET C 135 -19.96 1.41 -8.55
N THR C 136 -20.40 1.02 -7.37
CA THR C 136 -21.81 0.85 -7.12
C THR C 136 -22.30 1.56 -5.87
N TRP C 137 -23.50 2.12 -5.98
CA TRP C 137 -24.14 2.84 -4.90
C TRP C 137 -25.42 2.15 -4.47
N PHE C 138 -25.62 2.02 -3.17
CA PHE C 138 -26.82 1.40 -2.64
C PHE C 138 -27.49 2.21 -1.56
N HIS C 139 -28.80 2.27 -1.61
CA HIS C 139 -29.52 2.97 -0.58
C HIS C 139 -30.07 1.72 0.08
N GLY C 140 -29.67 1.49 1.32
CA GLY C 140 -30.10 0.29 2.00
C GLY C 140 -29.51 -0.81 1.14
N GLN C 141 -30.31 -1.79 0.76
CA GLN C 141 -29.83 -2.88 -0.07
C GLN C 141 -30.19 -2.71 -1.54
N LYS C 142 -30.82 -1.60 -1.88
CA LYS C 142 -31.23 -1.36 -3.25
C LYS C 142 -30.23 -0.58 -4.08
N LEU C 143 -29.83 -1.16 -5.19
CA LEU C 143 -28.88 -0.53 -6.08
C LEU C 143 -29.47 0.72 -6.68
N LEU C 144 -28.68 1.78 -6.65
CA LEU C 144 -29.13 3.05 -7.21
C LEU C 144 -28.66 3.24 -8.64
N GLN C 145 -29.57 3.70 -9.49
CA GLN C 145 -29.23 4.00 -10.88
C GLN C 145 -29.72 5.40 -11.24
N ASN C 146 -29.24 5.92 -12.37
CA ASN C 146 -29.70 7.22 -12.84
C ASN C 146 -31.21 7.29 -13.02
N SER C 147 -31.79 8.42 -12.63
CA SER C 147 -33.20 8.68 -12.79
C SER C 147 -33.44 10.19 -12.80
N GLU C 148 -34.70 10.59 -12.80
CA GLU C 148 -35.04 12.01 -12.88
C GLU C 148 -34.38 12.84 -11.78
N ASN C 149 -34.46 12.37 -10.55
CA ASN C 149 -33.90 13.12 -9.42
C ASN C 149 -32.63 12.51 -8.84
N ILE C 150 -32.08 11.51 -9.52
CA ILE C 150 -30.85 10.87 -9.06
C ILE C 150 -29.84 10.74 -10.20
N THR C 151 -28.60 11.09 -9.91
CA THR C 151 -27.54 11.00 -10.91
C THR C 151 -26.24 10.49 -10.31
N ILE C 152 -25.62 9.53 -10.99
CA ILE C 152 -24.34 8.98 -10.57
C ILE C 152 -23.31 9.08 -11.70
N GLU C 153 -22.19 9.73 -11.42
CA GLU C 153 -21.12 9.85 -12.41
C GLU C 153 -19.82 9.23 -11.90
N ASN C 154 -19.41 8.16 -12.57
CA ASN C 154 -18.18 7.47 -12.20
C ASN C 154 -16.99 7.91 -13.03
N THR C 155 -15.91 8.27 -12.35
CA THR C 155 -14.70 8.80 -12.97
C THR C 155 -13.49 7.99 -12.52
N GLU C 156 -12.34 8.23 -13.14
CA GLU C 156 -11.10 7.56 -12.77
C GLU C 156 -10.49 8.10 -11.48
N HIS C 157 -11.17 9.05 -10.85
CA HIS C 157 -10.67 9.65 -9.61
C HIS C 157 -11.75 9.73 -8.53
N TYR C 158 -13.01 9.65 -8.94
CA TYR C 158 -14.10 9.76 -7.98
C TYR C 158 -15.40 9.14 -8.50
N THR C 159 -16.28 8.80 -7.57
CA THR C 159 -17.67 8.49 -7.91
C THR C 159 -18.55 9.55 -7.26
N HIS C 160 -19.42 10.16 -8.06
CA HIS C 160 -20.22 11.28 -7.58
C HIS C 160 -21.71 10.96 -7.60
N LEU C 161 -22.34 11.11 -6.45
CA LEU C 161 -23.78 10.88 -6.31
C LEU C 161 -24.50 12.17 -5.97
N VAL C 162 -25.46 12.56 -6.82
CA VAL C 162 -26.24 13.76 -6.58
C VAL C 162 -27.73 13.45 -6.57
N MET C 163 -28.41 13.82 -5.48
CA MET C 163 -29.82 13.56 -5.32
C MET C 163 -30.60 14.86 -5.11
N LYS C 164 -31.55 15.14 -5.99
CA LYS C 164 -32.31 16.39 -5.94
C LYS C 164 -33.55 16.28 -5.07
N ASN C 165 -33.95 17.42 -4.49
CA ASN C 165 -35.16 17.49 -3.67
C ASN C 165 -35.27 16.35 -2.67
N VAL C 166 -34.26 16.23 -1.81
CA VAL C 166 -34.27 15.16 -0.84
C VAL C 166 -35.34 15.32 0.23
N GLN C 167 -35.96 14.21 0.58
CA GLN C 167 -36.97 14.18 1.61
C GLN C 167 -36.63 13.07 2.61
N ARG C 168 -36.93 13.29 3.86
CA ARG C 168 -36.56 12.35 4.89
C ARG C 168 -37.14 10.99 4.71
N LYS C 169 -38.38 10.88 4.35
CA LYS C 169 -38.95 9.57 4.15
C LYS C 169 -38.36 8.79 3.03
N THR C 170 -37.92 9.44 1.99
CA THR C 170 -37.29 8.75 0.89
C THR C 170 -35.76 8.69 0.90
N HIS C 171 -35.07 9.73 1.32
CA HIS C 171 -33.62 9.73 1.20
C HIS C 171 -32.80 9.47 2.41
N ALA C 172 -33.38 9.59 3.55
CA ALA C 172 -32.65 9.39 4.76
C ALA C 172 -32.27 7.96 4.90
N GLY C 173 -31.15 7.67 5.52
CA GLY C 173 -30.79 6.31 5.72
C GLY C 173 -29.37 5.96 5.43
N LYS C 174 -29.17 4.69 5.20
CA LYS C 174 -27.87 4.18 4.92
C LYS C 174 -27.57 3.96 3.51
N TYR C 175 -26.47 4.52 3.14
CA TYR C 175 -25.94 4.44 1.78
C TYR C 175 -24.61 3.70 1.74
N LYS C 176 -24.47 2.81 0.76
CA LYS C 176 -23.21 2.10 0.57
C LYS C 176 -22.61 2.40 -0.79
N VAL C 177 -21.35 2.81 -0.81
CA VAL C 177 -20.61 2.95 -2.05
C VAL C 177 -19.56 1.84 -2.09
N GLN C 178 -19.53 1.12 -3.20
CA GLN C 178 -18.61 0.01 -3.34
C GLN C 178 -17.68 0.12 -4.54
N LEU C 179 -16.41 -0.22 -4.32
CA LEU C 179 -15.40 -0.19 -5.36
C LEU C 179 -14.81 -1.58 -5.55
N SER C 180 -14.82 -2.08 -6.78
CA SER C 180 -14.26 -3.41 -7.05
C SER C 180 -13.40 -3.48 -8.31
N ASN C 181 -12.33 -4.26 -8.23
CA ASN C 181 -11.44 -4.48 -9.34
C ASN C 181 -10.89 -5.88 -9.18
N VAL C 182 -10.09 -6.36 -10.13
CA VAL C 182 -9.59 -7.71 -10.02
C VAL C 182 -8.83 -7.90 -8.71
N PHE C 183 -8.07 -6.90 -8.30
CA PHE C 183 -7.33 -6.97 -7.06
C PHE C 183 -8.09 -7.01 -5.73
N GLY C 184 -9.10 -6.16 -5.57
CA GLY C 184 -9.84 -6.12 -4.30
C GLY C 184 -11.15 -5.36 -4.26
N THR C 185 -11.84 -5.41 -3.12
CA THR C 185 -13.10 -4.69 -2.96
C THR C 185 -13.10 -3.89 -1.66
N VAL C 186 -13.62 -2.67 -1.73
CA VAL C 186 -13.84 -1.87 -0.54
C VAL C 186 -15.22 -1.24 -0.59
N ASP C 187 -15.78 -0.96 0.57
CA ASP C 187 -17.07 -0.31 0.69
C ASP C 187 -17.09 0.61 1.89
N ALA C 188 -17.90 1.63 1.83
CA ALA C 188 -18.04 2.54 2.94
C ALA C 188 -19.51 2.83 3.11
N ILE C 189 -19.94 3.00 4.34
CA ILE C 189 -21.33 3.28 4.61
C ILE C 189 -21.48 4.68 5.11
N LEU C 190 -22.31 5.45 4.42
CA LEU C 190 -22.55 6.83 4.78
C LEU C 190 -23.96 6.94 5.31
N ASP C 191 -24.11 7.48 6.50
CA ASP C 191 -25.42 7.63 7.09
C ASP C 191 -25.91 9.02 6.79
N VAL C 192 -27.04 9.09 6.11
CA VAL C 192 -27.61 10.36 5.73
C VAL C 192 -28.83 10.71 6.55
N GLU C 193 -28.80 11.90 7.11
CA GLU C 193 -29.94 12.43 7.83
C GLU C 193 -30.47 13.68 7.14
N ILE C 194 -31.74 13.67 6.77
CA ILE C 194 -32.37 14.83 6.15
C ILE C 194 -32.90 15.75 7.25
N GLN C 195 -32.49 17.01 7.22
CA GLN C 195 -32.79 17.95 8.31
C GLN C 195 -33.80 19.04 7.93
N ASP C 196 -34.61 19.43 8.90
CA ASP C 196 -35.49 20.57 8.76
C ASP C 196 -34.72 21.84 9.09
N LYS C 197 -35.02 22.92 8.37
CA LYS C 197 -34.33 24.19 8.59
C LYS C 197 -35.33 25.32 8.82
N MET D 3 -48.10 -20.53 11.21
CA MET D 3 -48.56 -19.32 11.90
C MET D 3 -48.13 -18.04 11.18
N SER D 4 -47.70 -17.05 11.93
CA SER D 4 -47.29 -15.77 11.35
C SER D 4 -46.10 -15.95 10.43
N GLY D 5 -46.11 -15.20 9.34
CA GLY D 5 -45.05 -15.25 8.36
C GLY D 5 -44.24 -13.98 8.31
N GLU D 6 -42.94 -14.13 8.09
CA GLU D 6 -42.03 -12.99 8.02
C GLU D 6 -41.67 -12.69 6.59
N ALA D 7 -41.65 -11.42 6.21
CA ALA D 7 -41.31 -11.07 4.86
C ALA D 7 -39.87 -11.44 4.69
N PRO D 8 -39.42 -11.62 3.46
CA PRO D 8 -38.04 -12.03 3.25
C PRO D 8 -37.01 -11.04 3.75
N GLY D 9 -36.01 -11.57 4.41
CA GLY D 9 -34.93 -10.78 4.97
C GLY D 9 -33.57 -11.21 4.47
N ILE D 10 -32.72 -10.23 4.17
CA ILE D 10 -31.42 -10.53 3.67
C ILE D 10 -30.38 -10.79 4.73
N ARG D 11 -30.05 -12.06 4.91
CA ARG D 11 -29.02 -12.44 5.85
C ARG D 11 -27.66 -12.03 5.31
N LYS D 12 -27.46 -12.26 4.02
CA LYS D 12 -26.21 -11.91 3.36
C LYS D 12 -26.48 -11.33 1.99
N GLU D 13 -26.01 -10.12 1.73
CA GLU D 13 -26.21 -9.50 0.43
C GLU D 13 -25.24 -10.04 -0.62
N MET D 14 -25.61 -9.92 -1.89
CA MET D 14 -24.75 -10.33 -2.99
C MET D 14 -23.44 -9.57 -2.96
N LYS D 15 -22.38 -10.17 -3.47
CA LYS D 15 -21.08 -9.53 -3.51
C LYS D 15 -20.52 -9.53 -4.92
N ASP D 16 -19.70 -8.53 -5.22
CA ASP D 16 -19.05 -8.46 -6.52
C ASP D 16 -18.21 -9.72 -6.74
N VAL D 17 -18.15 -10.17 -7.98
CA VAL D 17 -17.38 -11.37 -8.31
C VAL D 17 -16.59 -11.17 -9.60
N THR D 18 -15.34 -11.62 -9.60
CA THR D 18 -14.53 -11.57 -10.80
C THR D 18 -14.24 -12.98 -11.33
N THR D 19 -14.36 -13.14 -12.64
CA THR D 19 -14.19 -14.44 -13.27
C THR D 19 -13.56 -14.32 -14.64
N LYS D 20 -12.72 -15.29 -14.99
CA LYS D 20 -12.11 -15.34 -16.32
C LYS D 20 -13.19 -15.57 -17.37
N LEU D 21 -13.18 -14.77 -18.43
CA LEU D 21 -14.16 -14.91 -19.50
C LEU D 21 -14.09 -16.31 -20.11
N GLY D 22 -15.22 -17.00 -20.12
CA GLY D 22 -15.29 -18.34 -20.67
C GLY D 22 -15.51 -19.37 -19.58
N GLU D 23 -15.40 -18.93 -18.34
CA GLU D 23 -15.60 -19.82 -17.19
C GLU D 23 -16.85 -19.45 -16.41
N ALA D 24 -17.25 -20.32 -15.49
CA ALA D 24 -18.48 -20.13 -14.71
C ALA D 24 -18.28 -19.19 -13.53
N ALA D 25 -19.19 -18.23 -13.38
CA ALA D 25 -19.18 -17.32 -12.26
C ALA D 25 -20.38 -17.58 -11.36
N GLN D 26 -20.18 -17.50 -10.06
CA GLN D 26 -21.26 -17.74 -9.10
C GLN D 26 -21.56 -16.53 -8.23
N LEU D 27 -22.72 -15.94 -8.44
CA LEU D 27 -23.18 -14.86 -7.59
C LEU D 27 -24.20 -15.43 -6.62
N SER D 28 -24.09 -15.06 -5.35
CA SER D 28 -24.97 -15.65 -4.34
C SER D 28 -25.33 -14.68 -3.23
N CYS D 29 -26.40 -15.00 -2.52
CA CYS D 29 -26.85 -14.24 -1.37
C CYS D 29 -27.58 -15.18 -0.41
N GLN D 30 -27.91 -14.67 0.76
CA GLN D 30 -28.64 -15.48 1.72
C GLN D 30 -29.88 -14.68 2.09
N ILE D 31 -31.05 -15.24 1.80
CA ILE D 31 -32.28 -14.57 2.12
C ILE D 31 -33.24 -15.55 2.79
N VAL D 32 -33.93 -15.10 3.83
CA VAL D 32 -34.85 -15.98 4.54
C VAL D 32 -36.20 -15.36 4.78
N GLY D 33 -37.24 -16.19 4.76
CA GLY D 33 -38.60 -15.75 5.01
C GLY D 33 -39.57 -16.89 5.30
N ARG D 34 -40.72 -16.55 5.87
CA ARG D 34 -41.77 -17.53 6.14
C ARG D 34 -43.02 -16.96 5.52
N PRO D 35 -43.63 -17.67 4.58
CA PRO D 35 -43.21 -18.98 4.11
C PRO D 35 -41.95 -18.85 3.27
N LEU D 36 -41.35 -19.98 2.91
CA LEU D 36 -40.12 -19.94 2.13
C LEU D 36 -40.35 -19.08 0.90
N PRO D 37 -39.43 -18.16 0.67
CA PRO D 37 -39.50 -17.22 -0.45
C PRO D 37 -39.20 -17.78 -1.83
N ASP D 38 -39.76 -17.12 -2.83
CA ASP D 38 -39.54 -17.51 -4.21
C ASP D 38 -38.37 -16.67 -4.68
N ILE D 39 -37.37 -17.33 -5.24
CA ILE D 39 -36.18 -16.65 -5.73
C ILE D 39 -36.17 -16.49 -7.24
N LYS D 40 -36.04 -15.25 -7.70
CA LYS D 40 -35.93 -14.97 -9.12
C LYS D 40 -34.71 -14.06 -9.37
N TRP D 41 -34.08 -14.26 -10.52
CA TRP D 41 -32.91 -13.45 -10.88
C TRP D 41 -33.23 -12.56 -12.06
N TYR D 42 -32.71 -11.33 -12.02
CA TYR D 42 -33.03 -10.35 -13.04
C TYR D 42 -31.80 -9.71 -13.68
N ARG D 43 -31.94 -9.38 -14.96
CA ARG D 43 -30.88 -8.73 -15.72
C ARG D 43 -31.51 -7.68 -16.64
N PHE D 44 -31.18 -6.42 -16.41
CA PHE D 44 -31.77 -5.32 -17.16
C PHE D 44 -33.30 -5.33 -17.05
N GLY D 45 -33.78 -5.50 -15.82
CA GLY D 45 -35.21 -5.50 -15.57
C GLY D 45 -35.96 -6.67 -16.17
N LYS D 46 -35.21 -7.59 -16.78
CA LYS D 46 -35.82 -8.78 -17.37
C LYS D 46 -35.38 -10.04 -16.64
N GLU D 47 -36.33 -10.92 -16.36
CA GLU D 47 -36.06 -12.14 -15.60
C GLU D 47 -35.18 -13.13 -16.36
N LEU D 48 -34.33 -13.85 -15.62
CA LEU D 48 -33.49 -14.88 -16.20
C LEU D 48 -34.16 -16.25 -16.08
N ILE D 49 -34.12 -17.01 -17.17
CA ILE D 49 -34.72 -18.34 -17.20
C ILE D 49 -33.66 -19.43 -17.13
N GLN D 50 -33.94 -20.47 -16.36
CA GLN D 50 -33.02 -21.60 -16.24
C GLN D 50 -32.63 -22.10 -17.62
N SER D 51 -31.33 -22.25 -17.85
CA SER D 51 -30.84 -22.70 -19.15
C SER D 51 -29.44 -23.27 -19.04
N ARG D 52 -28.83 -23.53 -20.19
CA ARG D 52 -27.46 -24.03 -20.23
C ARG D 52 -26.52 -22.97 -19.69
N LYS D 53 -26.93 -21.70 -19.82
CA LYS D 53 -26.10 -20.58 -19.40
C LYS D 53 -26.38 -20.15 -17.97
N TYR D 54 -27.65 -20.01 -17.62
CA TYR D 54 -28.02 -19.57 -16.28
C TYR D 54 -28.54 -20.70 -15.41
N LYS D 55 -27.77 -21.05 -14.38
CA LYS D 55 -28.18 -22.06 -13.43
C LYS D 55 -28.57 -21.41 -12.10
N MET D 56 -29.79 -21.58 -11.67
CA MET D 56 -30.22 -21.04 -10.40
C MET D 56 -30.48 -22.11 -9.35
N SER D 57 -29.76 -22.06 -8.25
CA SER D 57 -29.82 -23.03 -7.23
C SER D 57 -30.05 -22.44 -5.89
N SER D 58 -30.61 -23.24 -5.01
CA SER D 58 -30.84 -22.80 -3.67
C SER D 58 -30.76 -23.95 -2.74
N ASP D 59 -30.26 -23.74 -1.55
CA ASP D 59 -30.23 -24.76 -0.53
C ASP D 59 -31.28 -24.50 0.51
N GLY D 60 -32.12 -23.54 0.20
CA GLY D 60 -33.19 -23.03 1.00
C GLY D 60 -32.80 -21.74 1.68
N ARG D 61 -31.52 -21.53 1.83
CA ARG D 61 -31.03 -20.32 2.45
C ARG D 61 -30.10 -19.51 1.61
N THR D 62 -29.19 -20.17 0.91
CA THR D 62 -28.20 -19.52 0.11
C THR D 62 -28.67 -19.67 -1.29
N HIS D 63 -28.75 -18.57 -2.01
CA HIS D 63 -29.28 -18.61 -3.35
C HIS D 63 -28.23 -18.26 -4.33
N THR D 64 -28.03 -19.12 -5.29
CA THR D 64 -26.94 -18.99 -6.20
C THR D 64 -27.29 -18.90 -7.64
N LEU D 65 -26.71 -17.95 -8.33
CA LEU D 65 -26.82 -17.88 -9.78
C LEU D 65 -25.49 -18.23 -10.40
N THR D 66 -25.48 -19.28 -11.22
CA THR D 66 -24.27 -19.69 -11.90
C THR D 66 -24.32 -19.26 -13.37
N VAL D 67 -23.44 -18.35 -13.75
CA VAL D 67 -23.41 -17.88 -15.10
C VAL D 67 -22.22 -18.44 -15.84
N MET D 68 -22.47 -19.13 -16.94
CA MET D 68 -21.39 -19.69 -17.72
C MET D 68 -21.11 -18.59 -18.71
N THR D 69 -20.16 -17.73 -18.39
CA THR D 69 -19.82 -16.63 -19.25
C THR D 69 -19.29 -17.02 -20.61
N GLU D 70 -19.80 -16.37 -21.64
CA GLU D 70 -19.35 -16.64 -22.98
C GLU D 70 -18.95 -15.39 -23.74
N GLU D 71 -19.32 -14.22 -23.25
CA GLU D 71 -18.99 -12.95 -23.86
C GLU D 71 -18.81 -11.87 -22.80
N GLN D 72 -18.08 -10.82 -23.12
CA GLN D 72 -17.85 -9.75 -22.17
C GLN D 72 -19.06 -8.96 -21.70
N GLU D 73 -20.12 -8.96 -22.48
CA GLU D 73 -21.31 -8.25 -22.12
C GLU D 73 -22.02 -8.92 -20.97
N ASP D 74 -21.54 -10.09 -20.60
CA ASP D 74 -22.10 -10.86 -19.49
C ASP D 74 -21.81 -10.17 -18.17
N GLU D 75 -20.89 -9.23 -18.22
CA GLU D 75 -20.47 -8.44 -17.09
C GLU D 75 -21.58 -7.53 -16.64
N GLY D 76 -21.44 -6.98 -15.46
CA GLY D 76 -22.45 -6.09 -14.98
C GLY D 76 -23.34 -6.49 -13.84
N VAL D 77 -24.40 -5.74 -13.68
CA VAL D 77 -25.36 -5.98 -12.62
C VAL D 77 -26.27 -7.18 -12.77
N TYR D 78 -26.48 -7.83 -11.64
CA TYR D 78 -27.34 -8.99 -11.51
C TYR D 78 -28.15 -8.76 -10.28
N THR D 79 -29.45 -8.95 -10.35
CA THR D 79 -30.33 -8.75 -9.22
C THR D 79 -31.12 -9.96 -8.76
N CYS D 80 -31.16 -10.17 -7.46
CA CYS D 80 -31.91 -11.28 -6.91
C CYS D 80 -33.07 -10.78 -6.06
N ILE D 81 -34.28 -11.25 -6.37
CA ILE D 81 -35.45 -10.85 -5.64
C ILE D 81 -36.12 -12.02 -4.92
N ALA D 82 -36.40 -11.85 -3.64
CA ALA D 82 -37.03 -12.88 -2.85
C ALA D 82 -38.46 -12.43 -2.56
N THR D 83 -39.41 -13.28 -2.89
CA THR D 83 -40.79 -12.94 -2.70
C THR D 83 -41.57 -14.02 -1.99
N ASN D 84 -42.53 -13.56 -1.21
CA ASN D 84 -43.43 -14.42 -0.45
C ASN D 84 -44.73 -13.67 -0.20
N GLU D 85 -45.70 -14.31 0.44
CA GLU D 85 -47.01 -13.72 0.69
C GLU D 85 -46.93 -12.43 1.51
N VAL D 86 -46.00 -12.39 2.45
CA VAL D 86 -45.78 -11.21 3.27
C VAL D 86 -45.12 -10.02 2.55
N GLY D 87 -44.14 -10.28 1.71
CA GLY D 87 -43.43 -9.21 1.00
C GLY D 87 -42.21 -9.65 0.21
N GLU D 88 -41.40 -8.68 -0.20
CA GLU D 88 -40.18 -8.99 -0.97
C GLU D 88 -38.96 -8.15 -0.61
N VAL D 89 -37.79 -8.72 -0.90
CA VAL D 89 -36.49 -8.08 -0.67
C VAL D 89 -35.64 -8.18 -1.95
N GLU D 90 -34.64 -7.33 -2.03
CA GLU D 90 -33.79 -7.31 -3.20
C GLU D 90 -32.32 -7.08 -2.91
N THR D 91 -31.46 -7.72 -3.67
CA THR D 91 -30.02 -7.52 -3.53
C THR D 91 -29.33 -7.63 -4.87
N SER D 92 -28.38 -6.71 -5.12
CA SER D 92 -27.68 -6.66 -6.40
C SER D 92 -26.17 -6.60 -6.24
N SER D 93 -25.45 -7.19 -7.19
CA SER D 93 -24.01 -7.08 -7.24
C SER D 93 -23.55 -7.10 -8.69
N LYS D 94 -22.25 -7.00 -8.91
CA LYS D 94 -21.72 -6.95 -10.27
C LYS D 94 -20.72 -8.06 -10.56
N LEU D 95 -20.69 -8.47 -11.82
CA LEU D 95 -19.73 -9.48 -12.27
C LEU D 95 -18.62 -8.81 -13.08
N LEU D 96 -17.38 -8.97 -12.63
CA LEU D 96 -16.24 -8.44 -13.35
C LEU D 96 -15.52 -9.58 -14.07
N LEU D 97 -15.13 -9.33 -15.31
CA LEU D 97 -14.50 -10.37 -16.13
C LEU D 97 -13.00 -10.13 -16.33
N GLN D 98 -12.30 -11.19 -16.71
CA GLN D 98 -10.86 -11.11 -16.97
C GLN D 98 -10.55 -11.69 -18.35
N ALA D 99 -9.81 -10.92 -19.14
CA ALA D 99 -9.44 -11.36 -20.49
C ALA D 99 -8.30 -10.52 -21.05
N THR D 100 -7.23 -11.17 -21.47
CA THR D 100 -6.12 -10.47 -22.11
C THR D 100 -6.65 -9.75 -23.35
N PRO D 101 -6.14 -8.54 -23.61
CA PRO D 101 -6.58 -7.81 -24.79
C PRO D 101 -6.51 -8.69 -26.04
N GLN D 102 -7.51 -8.56 -26.91
CA GLN D 102 -7.61 -9.42 -28.09
C GLN D 102 -8.57 -8.81 -29.09
N PHE D 103 -8.13 -8.68 -30.34
CA PHE D 103 -9.00 -8.18 -31.38
C PHE D 103 -10.12 -9.19 -31.65
N HIS D 104 -11.34 -8.69 -31.74
CA HIS D 104 -12.52 -9.55 -31.82
C HIS D 104 -12.50 -10.46 -33.04
N PRO D 105 -12.37 -11.78 -32.81
CA PRO D 105 -12.51 -12.77 -33.88
C PRO D 105 -13.96 -12.85 -34.31
N GLY D 106 -14.21 -12.75 -35.62
CA GLY D 106 -15.55 -12.66 -36.15
C GLY D 106 -15.70 -11.33 -36.83
N TYR D 107 -14.77 -10.42 -36.54
CA TYR D 107 -14.66 -9.15 -37.24
C TYR D 107 -13.21 -8.98 -37.68
N PRO D 108 -12.70 -9.95 -38.45
CA PRO D 108 -11.27 -10.03 -38.80
C PRO D 108 -10.75 -8.73 -39.41
N LEU D 109 -9.61 -8.26 -38.92
CA LEU D 109 -8.95 -7.09 -39.49
C LEU D 109 -8.20 -7.49 -40.75
N LYS D 110 -8.12 -6.57 -41.70
CA LYS D 110 -7.45 -6.83 -42.96
C LYS D 110 -6.03 -6.27 -42.98
N GLU D 111 -5.35 -6.46 -44.09
CA GLU D 111 -4.02 -5.90 -44.28
C GLU D 111 -4.14 -4.47 -44.80
N LYS D 112 -4.91 -4.32 -45.87
CA LYS D 112 -5.09 -3.01 -46.50
C LYS D 112 -6.48 -2.43 -46.24
N TYR D 113 -6.52 -1.13 -45.99
CA TYR D 113 -7.78 -0.39 -45.91
C TYR D 113 -7.69 0.79 -46.87
N TYR D 114 -8.79 1.10 -47.54
CA TYR D 114 -8.80 2.16 -48.52
C TYR D 114 -9.71 3.34 -48.23
N GLY D 115 -9.15 4.52 -48.44
CA GLY D 115 -9.88 5.76 -48.24
C GLY D 115 -9.79 6.61 -49.48
N ALA D 116 -10.91 7.18 -49.88
CA ALA D 116 -10.94 8.05 -51.06
C ALA D 116 -10.32 9.37 -50.70
N VAL D 117 -9.69 10.02 -51.66
CA VAL D 117 -9.07 11.32 -51.39
C VAL D 117 -10.13 12.33 -50.99
N GLY D 118 -9.88 13.02 -49.90
CA GLY D 118 -10.77 14.04 -49.39
C GLY D 118 -11.93 13.48 -48.61
N SER D 119 -11.99 12.17 -48.51
CA SER D 119 -13.06 11.48 -47.79
C SER D 119 -12.77 11.31 -46.30
N THR D 120 -13.81 10.94 -45.56
CA THR D 120 -13.67 10.71 -44.14
C THR D 120 -13.37 9.23 -43.99
N LEU D 121 -12.29 8.90 -43.31
CA LEU D 121 -11.89 7.51 -43.10
C LEU D 121 -12.12 7.07 -41.66
N ARG D 122 -12.93 6.03 -41.49
CA ARG D 122 -13.24 5.52 -40.16
C ARG D 122 -12.74 4.11 -39.94
N LEU D 123 -12.01 3.91 -38.85
CA LEU D 123 -11.55 2.59 -38.52
C LEU D 123 -12.25 2.23 -37.22
N HIS D 124 -13.13 1.25 -37.30
CA HIS D 124 -13.89 0.77 -36.13
C HIS D 124 -13.38 -0.60 -35.73
N VAL D 125 -12.57 -0.63 -34.69
CA VAL D 125 -11.98 -1.87 -34.24
C VAL D 125 -12.60 -2.46 -32.99
N MET D 126 -13.22 -3.61 -33.16
CA MET D 126 -13.84 -4.35 -32.09
C MET D 126 -12.81 -5.17 -31.33
N TYR D 127 -12.93 -5.22 -30.03
CA TYR D 127 -11.98 -5.94 -29.19
C TYR D 127 -12.56 -6.69 -27.99
N ILE D 128 -11.80 -7.65 -27.50
CA ILE D 128 -12.13 -8.37 -26.30
C ILE D 128 -11.08 -8.10 -25.24
N GLY D 129 -11.47 -7.74 -24.05
CA GLY D 129 -10.49 -7.37 -23.06
C GLY D 129 -11.01 -6.76 -21.79
N ARG D 130 -10.88 -7.48 -20.69
CA ARG D 130 -11.30 -7.01 -19.39
C ARG D 130 -10.15 -7.26 -18.43
N PRO D 131 -9.76 -6.27 -17.64
CA PRO D 131 -10.39 -4.95 -17.59
C PRO D 131 -10.20 -4.18 -18.87
N VAL D 132 -11.01 -3.15 -19.09
CA VAL D 132 -10.89 -2.41 -20.32
C VAL D 132 -9.44 -1.97 -20.41
N PRO D 133 -8.87 -2.24 -21.57
CA PRO D 133 -7.47 -1.93 -21.85
C PRO D 133 -7.16 -0.51 -22.27
N ALA D 134 -5.90 -0.13 -22.12
CA ALA D 134 -5.44 1.17 -22.55
C ALA D 134 -5.33 0.96 -24.04
N MET D 135 -5.94 1.83 -24.81
CA MET D 135 -5.94 1.72 -26.27
C MET D 135 -5.23 2.90 -26.91
N THR D 136 -4.30 2.60 -27.82
CA THR D 136 -3.47 3.63 -28.42
C THR D 136 -3.36 3.49 -29.93
N TRP D 137 -3.48 4.60 -30.64
CA TRP D 137 -3.34 4.62 -32.10
C TRP D 137 -2.04 5.28 -32.52
N PHE D 138 -1.38 4.69 -33.51
CA PHE D 138 -0.13 5.26 -34.04
C PHE D 138 -0.19 5.37 -35.55
N HIS D 139 0.24 6.49 -36.10
CA HIS D 139 0.47 6.58 -37.50
C HIS D 139 1.96 6.61 -37.63
N GLY D 140 2.52 5.56 -38.19
CA GLY D 140 3.94 5.35 -38.10
C GLY D 140 4.30 5.03 -36.67
N GLN D 141 5.22 5.78 -36.10
CA GLN D 141 5.57 5.60 -34.72
C GLN D 141 5.01 6.71 -33.91
N LYS D 142 4.30 7.61 -34.55
CA LYS D 142 3.73 8.77 -33.93
C LYS D 142 2.36 8.56 -33.32
N LEU D 143 2.21 8.90 -32.06
CA LEU D 143 0.96 8.77 -31.37
C LEU D 143 -0.06 9.76 -31.86
N LEU D 144 -1.28 9.26 -32.05
CA LEU D 144 -2.39 10.02 -32.55
C LEU D 144 -3.29 10.50 -31.45
N GLN D 145 -3.60 11.78 -31.49
CA GLN D 145 -4.43 12.40 -30.47
C GLN D 145 -5.60 13.12 -31.12
N ASN D 146 -6.63 13.41 -30.34
CA ASN D 146 -7.76 14.18 -30.84
C ASN D 146 -7.31 15.55 -31.33
N SER D 147 -7.72 15.89 -32.55
CA SER D 147 -7.44 17.19 -33.13
C SER D 147 -8.62 17.64 -33.98
N GLU D 148 -8.43 18.72 -34.74
CA GLU D 148 -9.49 19.25 -35.58
C GLU D 148 -9.99 18.21 -36.59
N ASN D 149 -9.08 17.36 -37.06
CA ASN D 149 -9.44 16.39 -38.10
C ASN D 149 -9.17 14.93 -37.75
N ILE D 150 -8.67 14.67 -36.54
CA ILE D 150 -8.58 13.30 -36.03
C ILE D 150 -9.38 13.19 -34.74
N THR D 151 -10.16 12.13 -34.61
CA THR D 151 -10.93 11.89 -33.39
C THR D 151 -10.88 10.42 -33.02
N ILE D 152 -10.42 10.13 -31.81
CA ILE D 152 -10.36 8.76 -31.33
C ILE D 152 -11.31 8.60 -30.15
N GLU D 153 -12.23 7.65 -30.26
CA GLU D 153 -13.14 7.36 -29.15
C GLU D 153 -12.98 5.92 -28.69
N ASN D 154 -12.68 5.76 -27.41
CA ASN D 154 -12.46 4.43 -26.84
C ASN D 154 -13.62 3.98 -25.96
N THR D 155 -14.13 2.79 -26.24
CA THR D 155 -15.27 2.23 -25.53
C THR D 155 -14.91 0.86 -24.97
N GLU D 156 -15.76 0.31 -24.11
CA GLU D 156 -15.51 -0.99 -23.52
C GLU D 156 -15.77 -2.12 -24.53
N HIS D 157 -16.07 -1.76 -25.77
CA HIS D 157 -16.36 -2.75 -26.80
C HIS D 157 -15.59 -2.51 -28.09
N TYR D 158 -15.03 -1.30 -28.25
CA TYR D 158 -14.33 -0.95 -29.48
C TYR D 158 -13.47 0.29 -29.30
N THR D 159 -12.52 0.46 -30.23
CA THR D 159 -11.79 1.71 -30.35
C THR D 159 -12.03 2.26 -31.76
N HIS D 160 -12.41 3.53 -31.83
CA HIS D 160 -12.80 4.12 -33.10
C HIS D 160 -11.88 5.27 -33.50
N LEU D 161 -11.46 5.26 -34.77
CA LEU D 161 -10.61 6.31 -35.31
C LEU D 161 -11.24 6.90 -36.57
N VAL D 162 -11.57 8.19 -36.52
CA VAL D 162 -12.18 8.85 -37.67
C VAL D 162 -11.33 10.03 -38.13
N MET D 163 -10.85 9.96 -39.37
CA MET D 163 -9.97 10.99 -39.91
C MET D 163 -10.61 11.70 -41.09
N LYS D 164 -10.81 13.00 -40.95
CA LYS D 164 -11.51 13.81 -41.95
C LYS D 164 -10.59 14.29 -43.07
N ASN D 165 -11.15 14.45 -44.26
CA ASN D 165 -10.40 14.99 -45.38
C ASN D 165 -9.05 14.34 -45.64
N VAL D 166 -9.01 13.02 -45.70
CA VAL D 166 -7.75 12.34 -45.91
C VAL D 166 -7.03 12.63 -47.21
N GLN D 167 -5.71 12.76 -47.11
CA GLN D 167 -4.86 13.00 -48.28
C GLN D 167 -3.73 11.99 -48.29
N ARG D 168 -3.21 11.68 -49.48
CA ARG D 168 -2.19 10.67 -49.60
C ARG D 168 -0.90 10.96 -48.85
N LYS D 169 -0.38 12.19 -48.96
CA LYS D 169 0.85 12.51 -48.27
C LYS D 169 0.72 12.47 -46.77
N THR D 170 -0.33 13.11 -46.26
CA THR D 170 -0.61 13.13 -44.83
C THR D 170 -1.12 11.85 -44.17
N HIS D 171 -2.03 11.15 -44.81
CA HIS D 171 -2.67 10.01 -44.18
C HIS D 171 -2.29 8.60 -44.61
N ALA D 172 -1.61 8.43 -45.71
CA ALA D 172 -1.28 7.11 -46.15
C ALA D 172 -0.20 6.53 -45.33
N GLY D 173 -0.25 5.24 -45.11
CA GLY D 173 0.76 4.60 -44.35
C GLY D 173 0.28 3.54 -43.42
N LYS D 174 1.17 3.09 -42.56
CA LYS D 174 0.84 2.08 -41.60
C LYS D 174 0.40 2.64 -40.30
N TYR D 175 -0.72 2.16 -39.82
CA TYR D 175 -1.25 2.56 -38.53
C TYR D 175 -1.19 1.37 -37.57
N LYS D 176 -0.90 1.66 -36.31
CA LYS D 176 -0.88 0.60 -35.30
C LYS D 176 -1.86 0.90 -34.18
N VAL D 177 -2.77 -0.03 -33.93
CA VAL D 177 -3.67 0.07 -32.80
C VAL D 177 -3.20 -0.89 -31.70
N GLN D 178 -3.03 -0.37 -30.50
CA GLN D 178 -2.54 -1.20 -29.40
C GLN D 178 -3.47 -1.27 -28.20
N LEU D 179 -3.70 -2.48 -27.74
CA LEU D 179 -4.56 -2.70 -26.59
C LEU D 179 -3.77 -3.32 -25.46
N SER D 180 -3.73 -2.65 -24.32
CA SER D 180 -2.97 -3.16 -23.18
C SER D 180 -3.72 -3.10 -21.85
N ASN D 181 -3.56 -4.16 -21.09
CA ASN D 181 -4.16 -4.27 -19.77
C ASN D 181 -3.20 -5.06 -18.91
N VAL D 182 -3.52 -5.23 -17.64
CA VAL D 182 -2.64 -5.92 -16.71
C VAL D 182 -2.38 -7.37 -17.09
N PHE D 183 -3.26 -7.95 -17.87
CA PHE D 183 -3.12 -9.35 -18.27
C PHE D 183 -2.25 -9.54 -19.51
N GLY D 184 -2.08 -8.49 -20.30
CA GLY D 184 -1.26 -8.57 -21.49
C GLY D 184 -1.49 -7.48 -22.51
N THR D 185 -0.83 -7.61 -23.65
CA THR D 185 -0.92 -6.62 -24.72
C THR D 185 -1.10 -7.29 -26.07
N VAL D 186 -1.75 -6.59 -26.99
CA VAL D 186 -1.89 -7.05 -28.37
C VAL D 186 -2.05 -5.85 -29.29
N ASP D 187 -1.32 -5.86 -30.41
CA ASP D 187 -1.41 -4.76 -31.36
C ASP D 187 -1.62 -5.27 -32.78
N ALA D 188 -2.11 -4.39 -33.65
CA ALA D 188 -2.34 -4.74 -35.04
C ALA D 188 -1.98 -3.58 -35.95
N ILE D 189 -1.35 -3.89 -37.08
CA ILE D 189 -0.99 -2.86 -38.04
C ILE D 189 -1.97 -2.83 -39.21
N LEU D 190 -2.62 -1.68 -39.39
CA LEU D 190 -3.54 -1.50 -40.52
C LEU D 190 -2.88 -0.61 -41.57
N ASP D 191 -2.64 -1.17 -42.75
CA ASP D 191 -2.03 -0.43 -43.85
C ASP D 191 -3.09 0.34 -44.61
N VAL D 192 -2.95 1.67 -44.66
CA VAL D 192 -3.93 2.52 -45.31
C VAL D 192 -3.45 3.12 -46.63
N GLU D 193 -4.23 2.93 -47.68
CA GLU D 193 -3.86 3.47 -48.97
C GLU D 193 -4.90 4.50 -49.37
N ILE D 194 -4.45 5.70 -49.72
CA ILE D 194 -5.36 6.75 -50.14
C ILE D 194 -5.45 6.74 -51.66
N GLN D 195 -6.66 6.50 -52.17
CA GLN D 195 -6.87 6.44 -53.61
C GLN D 195 -7.67 7.62 -54.10
N ASP D 196 -7.17 8.33 -55.10
CA ASP D 196 -7.94 9.44 -55.61
C ASP D 196 -8.92 8.98 -56.68
N LYS D 197 -9.92 9.83 -56.89
CA LYS D 197 -10.96 9.57 -57.84
C LYS D 197 -11.85 10.80 -57.83
#